data_2AE8
#
_entry.id   2AE8
#
_cell.length_a   129.247
_cell.length_b   129.247
_cell.length_c   180.143
_cell.angle_alpha   90.00
_cell.angle_beta   90.00
_cell.angle_gamma   90.00
#
_symmetry.space_group_name_H-M   'I 4'
#
loop_
_entity.id
_entity.type
_entity.pdbx_description
1 polymer 'Imidazoleglycerol-phosphate dehydratase'
2 non-polymer 'MAGNESIUM ION'
3 water water
#
_entity_poly.entity_id   1
_entity_poly.type   'polypeptide(L)'
_entity_poly.pdbx_seq_one_letter_code
;HHHHHHSSGVDLGTENLYFQSNIGSGSNA(MSE)IYQKQRNTAETQLNISISDDQSPSHINTGVGFLNH(MSE)LTLFTF
HSGLSLNIEAQGDIDVDDHHVTEDIGIVIGQLLLE(MSE)IKDKKHFVRYGT(MSE)YIP(MSE)DETLARVVVDISGRP
YLSFNASLSKEKVGTFDTELVEEFFRAVVINARLTTHIDLIRGGNTHHEIEAIFKAFSRALGIALTATDDQRVPSSKGVI
E
;
_entity_poly.pdbx_strand_id   A,B,C,D,E,F
#
# COMPACT_ATOMS: atom_id res chain seq x y z
N ILE A 31 -2.59 3.06 53.19
CA ILE A 31 -3.33 1.81 53.21
C ILE A 31 -4.81 2.12 53.06
N TYR A 32 -5.43 1.44 52.09
CA TYR A 32 -6.83 1.63 51.78
C TYR A 32 -7.50 0.36 52.22
N GLN A 33 -8.59 0.50 52.96
CA GLN A 33 -9.23 -0.67 53.56
C GLN A 33 -10.70 -0.43 53.67
N LYS A 34 -11.46 -1.52 53.66
CA LYS A 34 -12.87 -1.48 53.99
C LYS A 34 -13.43 -2.88 54.20
N GLN A 35 -14.58 -2.94 54.86
CA GLN A 35 -15.32 -4.17 54.95
C GLN A 35 -16.68 -4.06 54.26
N ARG A 36 -17.16 -5.20 53.78
CA ARG A 36 -18.42 -5.27 53.03
C ARG A 36 -19.24 -6.48 53.47
N THR A 41 -22.18 -13.19 56.29
CA THR A 41 -20.82 -13.22 55.76
C THR A 41 -20.08 -11.94 56.08
N GLN A 42 -18.77 -12.05 56.24
CA GLN A 42 -17.93 -10.89 56.53
C GLN A 42 -16.79 -10.86 55.53
N LEU A 43 -16.55 -9.68 54.96
CA LEU A 43 -15.40 -9.47 54.06
C LEU A 43 -14.61 -8.27 54.52
N ASN A 44 -13.32 -8.46 54.75
CA ASN A 44 -12.44 -7.36 55.14
C ASN A 44 -11.20 -7.33 54.25
N ILE A 45 -11.00 -6.20 53.57
CA ILE A 45 -9.92 -6.09 52.59
C ILE A 45 -9.12 -4.81 52.75
N SER A 46 -7.81 -4.92 52.59
CA SER A 46 -6.96 -3.75 52.46
C SER A 46 -5.99 -3.91 51.29
N ILE A 47 -5.64 -2.79 50.68
CA ILE A 47 -4.67 -2.80 49.61
C ILE A 47 -3.68 -1.66 49.81
N SER A 48 -2.42 -1.93 49.50
CA SER A 48 -1.35 -0.95 49.72
C SER A 48 -0.30 -1.01 48.63
N ASP A 49 0.23 0.17 48.26
CA ASP A 49 1.29 0.28 47.27
C ASP A 49 2.67 0.26 47.92
N ASP A 50 2.89 -0.74 48.79
CA ASP A 50 4.23 -1.00 49.32
C ASP A 50 4.53 -2.48 49.30
N GLN A 51 5.56 -2.88 50.05
CA GLN A 51 6.04 -4.24 50.03
C GLN A 51 5.72 -5.02 51.30
N SER A 52 4.64 -4.63 51.97
CA SER A 52 4.13 -5.43 53.08
C SER A 52 3.62 -6.77 52.56
N PRO A 53 3.93 -7.88 53.27
CA PRO A 53 3.42 -9.18 52.85
C PRO A 53 1.91 -9.19 52.72
N SER A 54 1.39 -10.14 51.95
CA SER A 54 -0.05 -10.22 51.67
C SER A 54 -0.62 -11.48 52.29
N HIS A 55 -1.81 -11.37 52.86
CA HIS A 55 -2.48 -12.52 53.40
C HIS A 55 -3.86 -12.65 52.75
N ILE A 56 -4.03 -13.70 51.96
CA ILE A 56 -5.25 -13.85 51.16
C ILE A 56 -6.04 -15.09 51.54
N ASN A 57 -7.21 -14.84 52.12
CA ASN A 57 -8.09 -15.89 52.60
C ASN A 57 -9.50 -15.58 52.17
N THR A 58 -9.85 -16.01 50.95
CA THR A 58 -11.13 -15.67 50.33
C THR A 58 -12.15 -16.76 50.61
N GLY A 59 -11.67 -17.95 50.93
CA GLY A 59 -12.54 -19.12 51.02
C GLY A 59 -12.70 -19.81 49.68
N VAL A 60 -12.03 -19.29 48.65
CA VAL A 60 -12.04 -19.89 47.31
C VAL A 60 -10.59 -20.16 46.93
N GLY A 61 -10.22 -21.43 46.91
CA GLY A 61 -8.82 -21.82 46.72
C GLY A 61 -8.18 -21.27 45.46
N PHE A 62 -8.89 -21.42 44.34
CA PHE A 62 -8.34 -20.98 43.07
C PHE A 62 -8.21 -19.45 43.06
N LEU A 63 -9.20 -18.78 43.67
CA LEU A 63 -9.15 -17.31 43.78
C LEU A 63 -7.97 -16.85 44.66
N ASN A 64 -7.69 -17.58 45.73
CA ASN A 64 -6.47 -17.30 46.53
C ASN A 64 -5.23 -17.29 45.66
N HIS A 65 -5.05 -18.32 44.84
N HIS A 65 -5.07 -18.33 44.85
CA HIS A 65 -3.89 -18.41 43.97
CA HIS A 65 -3.94 -18.48 43.93
C HIS A 65 -3.83 -17.27 42.96
C HIS A 65 -3.85 -17.31 42.95
N LEU A 67 -5.25 -14.28 43.15
CA LEU A 67 -5.03 -13.01 43.85
C LEU A 67 -3.62 -12.87 44.38
N THR A 68 -2.98 -13.98 44.71
CA THR A 68 -1.57 -13.97 45.07
C THR A 68 -0.71 -13.58 43.87
N LEU A 69 -1.10 -14.05 42.68
CA LEU A 69 -0.45 -13.62 41.43
C LEU A 69 -0.66 -12.14 41.20
N PHE A 70 -1.87 -11.67 41.47
CA PHE A 70 -2.17 -10.25 41.34
C PHE A 70 -1.24 -9.40 42.23
N THR A 71 -1.02 -9.85 43.46
CA THR A 71 -0.21 -9.07 44.40
C THR A 71 1.20 -8.95 43.87
N PHE A 72 1.78 -10.09 43.49
CA PHE A 72 3.14 -10.11 42.98
C PHE A 72 3.35 -9.27 41.71
N HIS A 73 2.44 -9.39 40.74
CA HIS A 73 2.64 -8.75 39.45
C HIS A 73 2.27 -7.27 39.37
N SER A 74 1.31 -6.85 40.20
CA SER A 74 0.92 -5.46 40.28
C SER A 74 1.85 -4.65 41.20
N GLY A 75 2.55 -5.34 42.10
CA GLY A 75 3.33 -4.70 43.17
C GLY A 75 2.48 -4.23 44.36
N LEU A 76 1.19 -4.53 44.33
CA LEU A 76 0.25 -4.09 45.37
C LEU A 76 0.08 -5.17 46.43
N SER A 77 0.13 -4.77 47.69
CA SER A 77 -0.12 -5.69 48.80
C SER A 77 -1.61 -5.79 49.06
N LEU A 78 -2.12 -7.01 49.09
CA LEU A 78 -3.54 -7.25 49.35
C LEU A 78 -3.68 -8.05 50.63
N ASN A 79 -4.64 -7.68 51.45
CA ASN A 79 -4.99 -8.47 52.60
C ASN A 79 -6.48 -8.70 52.63
N ILE A 80 -6.87 -9.98 52.67
CA ILE A 80 -8.28 -10.36 52.57
C ILE A 80 -8.69 -11.39 53.59
N GLU A 81 -9.71 -11.05 54.37
CA GLU A 81 -10.39 -11.98 55.27
C GLU A 81 -11.84 -12.12 54.87
N ALA A 82 -12.20 -13.33 54.45
CA ALA A 82 -13.58 -13.65 54.11
C ALA A 82 -14.12 -14.69 55.08
N GLN A 83 -15.26 -14.40 55.70
CA GLN A 83 -15.88 -15.31 56.67
C GLN A 83 -17.34 -15.55 56.36
N GLY A 84 -17.83 -16.74 56.68
CA GLY A 84 -19.24 -17.10 56.47
C GLY A 84 -19.56 -18.55 56.79
N ASP A 89 -22.43 -18.67 44.94
CA ASP A 89 -21.79 -18.76 46.28
C ASP A 89 -20.32 -18.39 46.17
N ASP A 90 -19.57 -19.18 45.39
CA ASP A 90 -18.29 -18.72 44.87
C ASP A 90 -18.50 -17.44 44.06
N HIS A 91 -19.66 -17.36 43.40
CA HIS A 91 -20.06 -16.21 42.60
C HIS A 91 -20.10 -14.97 43.47
N HIS A 92 -20.82 -15.05 44.59
CA HIS A 92 -21.01 -13.91 45.46
C HIS A 92 -19.70 -13.44 46.04
N VAL A 93 -18.89 -14.39 46.52
CA VAL A 93 -17.58 -14.07 47.09
C VAL A 93 -16.66 -13.43 46.05
N THR A 94 -16.54 -14.06 44.87
CA THR A 94 -15.70 -13.53 43.79
C THR A 94 -16.13 -12.13 43.39
N GLU A 95 -17.42 -11.93 43.16
CA GLU A 95 -17.92 -10.63 42.76
C GLU A 95 -17.69 -9.54 43.85
N ASP A 96 -17.98 -9.89 45.11
CA ASP A 96 -17.81 -8.94 46.24
C ASP A 96 -16.37 -8.52 46.43
N ILE A 97 -15.46 -9.48 46.35
CA ILE A 97 -14.03 -9.21 46.40
C ILE A 97 -13.60 -8.29 45.24
N GLY A 98 -14.07 -8.59 44.04
CA GLY A 98 -13.75 -7.75 42.87
C GLY A 98 -14.27 -6.32 43.03
N ILE A 99 -15.48 -6.17 43.56
CA ILE A 99 -16.08 -4.84 43.76
C ILE A 99 -15.25 -3.99 44.74
N VAL A 100 -14.91 -4.60 45.88
CA VAL A 100 -14.14 -3.93 46.93
C VAL A 100 -12.73 -3.57 46.47
N ILE A 101 -12.07 -4.52 45.79
CA ILE A 101 -10.76 -4.24 45.18
C ILE A 101 -10.87 -3.06 44.22
N GLY A 102 -11.86 -3.10 43.34
CA GLY A 102 -12.14 -1.97 42.45
C GLY A 102 -12.29 -0.63 43.17
N GLN A 103 -13.15 -0.57 44.17
CA GLN A 103 -13.43 0.67 44.91
C GLN A 103 -12.16 1.20 45.62
N LEU A 104 -11.39 0.29 46.21
CA LEU A 104 -10.13 0.64 46.86
C LEU A 104 -9.07 1.09 45.88
N LEU A 105 -9.04 0.48 44.69
CA LEU A 105 -8.12 0.96 43.66
C LEU A 105 -8.52 2.37 43.28
N LEU A 106 -9.83 2.64 43.23
CA LEU A 106 -10.27 3.98 42.89
C LEU A 106 -9.77 4.99 43.94
N GLU A 107 -9.80 4.58 45.20
CA GLU A 107 -9.32 5.44 46.30
C GLU A 107 -7.85 5.78 46.11
N ILE A 109 -6.10 5.63 43.28
CA ILE A 109 -5.95 6.41 42.06
C ILE A 109 -6.26 7.89 42.32
N LYS A 110 -7.33 8.14 43.04
CA LYS A 110 -7.72 9.49 43.41
C LYS A 110 -6.61 10.20 44.20
N ASP A 111 -5.88 9.47 45.04
CA ASP A 111 -4.77 10.06 45.79
C ASP A 111 -3.54 10.36 44.95
N LYS A 112 -3.27 9.54 43.94
CA LYS A 112 -2.11 9.74 43.06
C LYS A 112 -2.33 10.91 42.13
N LYS A 113 -1.27 11.70 41.92
CA LYS A 113 -1.37 12.83 41.02
C LYS A 113 -0.95 12.42 39.62
N HIS A 114 0.35 12.28 39.41
CA HIS A 114 0.90 12.01 38.10
C HIS A 114 1.35 10.57 38.02
N PHE A 115 0.70 9.82 37.13
CA PHE A 115 1.04 8.41 36.89
C PHE A 115 1.05 8.09 35.38
N VAL A 116 1.69 6.98 35.02
CA VAL A 116 1.82 6.56 33.61
C VAL A 116 0.47 6.45 32.87
N ARG A 117 -0.54 5.94 33.58
CA ARG A 117 -1.94 5.88 33.12
C ARG A 117 -2.24 4.73 32.14
N TYR A 118 -1.35 4.51 31.17
CA TYR A 118 -1.51 3.45 30.15
C TYR A 118 -0.58 2.27 30.42
N GLY A 119 -1.12 1.06 30.40
CA GLY A 119 -0.30 -0.15 30.48
C GLY A 119 -0.78 -1.27 29.57
N THR A 120 0.18 -1.97 28.96
CA THR A 120 -0.10 -3.12 28.09
C THR A 120 0.87 -4.20 28.48
N TYR A 122 1.73 -8.42 27.40
CA TYR A 122 1.54 -9.75 26.83
C TYR A 122 2.16 -10.74 27.79
N ILE A 123 1.43 -11.83 28.08
CA ILE A 123 1.95 -12.94 28.92
C ILE A 123 1.69 -14.27 28.22
N PRO A 124 2.76 -15.03 27.93
CA PRO A 124 2.55 -16.37 27.43
C PRO A 124 2.49 -17.39 28.58
N ASP A 126 2.77 -21.40 28.26
CA ASP A 126 2.90 -22.48 27.29
C ASP A 126 2.11 -22.11 26.03
N GLU A 127 1.08 -22.89 25.69
CA GLU A 127 0.25 -22.67 24.49
C GLU A 127 -0.51 -21.34 24.45
N THR A 128 -0.81 -20.80 25.62
CA THR A 128 -1.63 -19.61 25.77
C THR A 128 -0.83 -18.33 25.55
N LEU A 129 -1.46 -17.35 24.92
CA LEU A 129 -0.94 -15.98 24.90
C LEU A 129 -2.10 -15.02 25.22
N ALA A 130 -1.91 -14.17 26.22
CA ALA A 130 -2.92 -13.18 26.53
C ALA A 130 -2.36 -11.77 26.44
N ARG A 131 -3.20 -10.83 26.02
CA ARG A 131 -2.84 -9.41 26.07
C ARG A 131 -3.87 -8.67 26.91
N VAL A 132 -3.40 -7.82 27.82
CA VAL A 132 -4.30 -6.94 28.56
C VAL A 132 -3.83 -5.50 28.39
N VAL A 133 -4.76 -4.62 28.04
CA VAL A 133 -4.49 -3.20 27.90
C VAL A 133 -5.32 -2.51 28.97
N VAL A 134 -4.66 -1.73 29.83
CA VAL A 134 -5.38 -0.89 30.82
C VAL A 134 -5.11 0.59 30.67
N ASP A 135 -6.19 1.36 30.85
CA ASP A 135 -6.12 2.81 30.86
C ASP A 135 -6.85 3.30 32.08
N ILE A 136 -6.10 3.89 33.01
CA ILE A 136 -6.70 4.57 34.16
C ILE A 136 -7.35 5.86 33.64
N SER A 137 -8.57 5.75 33.13
CA SER A 137 -9.19 6.83 32.36
C SER A 137 -10.32 7.52 33.09
N GLY A 138 -10.89 6.86 34.09
CA GLY A 138 -12.11 7.36 34.72
C GLY A 138 -13.37 7.01 33.93
N ARG A 139 -13.20 6.30 32.82
CA ARG A 139 -14.32 5.81 32.00
C ARG A 139 -14.49 4.31 32.21
N PRO A 140 -15.46 3.88 33.05
CA PRO A 140 -15.50 2.45 33.37
C PRO A 140 -15.93 1.66 32.14
N TYR A 141 -15.07 0.76 31.67
CA TYR A 141 -15.37 -0.04 30.47
C TYR A 141 -14.48 -1.28 30.43
N LEU A 142 -15.11 -2.44 30.31
CA LEU A 142 -14.41 -3.69 30.10
C LEU A 142 -14.75 -4.33 28.75
N SER A 143 -13.73 -4.59 27.93
CA SER A 143 -13.91 -5.45 26.76
C SER A 143 -13.19 -6.76 27.05
N PHE A 144 -13.97 -7.80 27.33
CA PHE A 144 -13.47 -9.11 27.73
C PHE A 144 -13.67 -10.08 26.57
N ASN A 145 -12.55 -10.57 26.03
CA ASN A 145 -12.54 -11.29 24.76
C ASN A 145 -11.72 -12.56 24.96
N ALA A 146 -12.31 -13.55 25.62
CA ALA A 146 -11.58 -14.74 25.98
C ALA A 146 -12.58 -15.86 26.16
N SER A 147 -12.58 -16.81 25.24
CA SER A 147 -13.41 -17.99 25.37
C SER A 147 -12.56 -19.04 26.05
N LEU A 148 -12.89 -19.33 27.30
CA LEU A 148 -12.08 -20.24 28.10
C LEU A 148 -12.42 -21.69 27.76
N SER A 149 -11.42 -22.56 27.79
CA SER A 149 -11.56 -23.90 27.22
C SER A 149 -12.48 -24.86 27.98
N LYS A 150 -12.64 -24.67 29.29
CA LYS A 150 -13.35 -25.64 30.12
C LYS A 150 -14.28 -24.90 31.04
N GLU A 151 -15.36 -25.56 31.48
CA GLU A 151 -16.35 -24.91 32.34
C GLU A 151 -15.88 -24.76 33.80
N LYS A 152 -14.94 -25.60 34.20
CA LYS A 152 -14.38 -25.57 35.56
C LYS A 152 -12.86 -25.76 35.52
N VAL A 153 -12.16 -25.13 36.46
CA VAL A 153 -10.82 -25.57 36.85
C VAL A 153 -10.92 -26.03 38.29
N GLY A 154 -10.70 -27.32 38.52
CA GLY A 154 -11.00 -27.90 39.84
C GLY A 154 -12.48 -27.71 40.11
N THR A 155 -12.81 -27.09 41.24
CA THR A 155 -14.22 -26.86 41.58
C THR A 155 -14.64 -25.43 41.21
N PHE A 156 -13.71 -24.67 40.66
CA PHE A 156 -13.94 -23.25 40.38
C PHE A 156 -14.65 -23.04 39.05
N ASP A 157 -15.83 -22.41 39.07
CA ASP A 157 -16.55 -22.05 37.84
C ASP A 157 -15.80 -20.97 37.06
N THR A 158 -15.42 -21.35 35.85
CA THR A 158 -14.58 -20.57 34.99
C THR A 158 -15.30 -19.27 34.49
N GLU A 159 -16.64 -19.31 34.44
CA GLU A 159 -17.41 -18.10 34.12
C GLU A 159 -17.22 -16.97 35.17
N LEU A 160 -16.65 -17.29 36.31
CA LEU A 160 -16.38 -16.29 37.36
C LEU A 160 -15.25 -15.34 37.05
N VAL A 161 -14.37 -15.73 36.14
CA VAL A 161 -13.23 -14.87 35.77
C VAL A 161 -13.70 -13.54 35.14
N GLU A 162 -14.59 -13.62 34.16
CA GLU A 162 -15.17 -12.39 33.59
C GLU A 162 -15.88 -11.56 34.68
N GLU A 163 -16.63 -12.25 35.55
CA GLU A 163 -17.36 -11.56 36.60
C GLU A 163 -16.40 -10.83 37.54
N PHE A 164 -15.26 -11.45 37.86
CA PHE A 164 -14.24 -10.81 38.67
C PHE A 164 -13.74 -9.53 38.02
N PHE A 165 -13.29 -9.64 36.76
CA PHE A 165 -12.70 -8.49 36.07
C PHE A 165 -13.69 -7.34 35.83
N ARG A 166 -14.94 -7.68 35.56
N ARG A 166 -14.95 -7.65 35.55
CA ARG A 166 -16.01 -6.70 35.42
CA ARG A 166 -15.92 -6.57 35.41
C ARG A 166 -16.21 -5.89 36.70
C ARG A 166 -16.11 -5.84 36.74
N ALA A 167 -16.25 -6.58 37.84
CA ALA A 167 -16.38 -5.94 39.17
C ALA A 167 -15.19 -5.00 39.43
N VAL A 168 -13.97 -5.51 39.28
CA VAL A 168 -12.75 -4.68 39.48
C VAL A 168 -12.70 -3.46 38.55
N VAL A 169 -12.81 -3.71 37.24
CA VAL A 169 -12.56 -2.67 36.23
C VAL A 169 -13.62 -1.55 36.27
N ILE A 170 -14.88 -1.94 36.39
CA ILE A 170 -15.96 -0.93 36.44
C ILE A 170 -15.87 -0.06 37.72
N ASN A 171 -15.61 -0.71 38.85
CA ASN A 171 -15.57 -0.01 40.13
C ASN A 171 -14.28 0.77 40.39
N ALA A 172 -13.19 0.34 39.77
CA ALA A 172 -11.97 1.13 39.74
C ALA A 172 -11.97 2.23 38.68
N ARG A 173 -13.02 2.26 37.85
CA ARG A 173 -13.15 3.24 36.75
C ARG A 173 -12.01 3.21 35.73
N LEU A 174 -11.63 2.00 35.35
CA LEU A 174 -10.63 1.80 34.30
C LEU A 174 -11.30 1.45 32.99
N THR A 175 -10.64 1.76 31.89
CA THR A 175 -10.99 1.05 30.65
C THR A 175 -9.93 -0.01 30.37
N THR A 176 -10.38 -1.27 30.29
CA THR A 176 -9.48 -2.36 29.99
C THR A 176 -10.03 -3.31 28.92
N HIS A 177 -9.12 -3.79 28.09
CA HIS A 177 -9.40 -4.80 27.08
C HIS A 177 -8.57 -6.02 27.43
N ILE A 178 -9.26 -7.16 27.59
CA ILE A 178 -8.61 -8.45 27.84
C ILE A 178 -8.77 -9.31 26.59
N ASP A 179 -7.66 -9.81 26.06
CA ASP A 179 -7.69 -10.58 24.82
C ASP A 179 -6.91 -11.86 24.97
N LEU A 180 -7.58 -12.97 24.78
CA LEU A 180 -6.89 -14.24 24.76
C LEU A 180 -6.53 -14.45 23.31
N ILE A 181 -5.27 -14.26 22.95
CA ILE A 181 -4.84 -14.38 21.56
C ILE A 181 -4.91 -15.84 21.10
N ARG A 182 -4.44 -16.73 21.96
CA ARG A 182 -4.59 -18.16 21.74
C ARG A 182 -4.63 -18.82 23.09
N GLY A 183 -5.28 -19.97 23.19
CA GLY A 183 -5.41 -20.68 24.45
C GLY A 183 -5.26 -22.16 24.23
N GLY A 184 -5.84 -22.95 25.13
CA GLY A 184 -5.74 -24.43 25.04
C GLY A 184 -6.05 -25.05 26.38
N ASN A 185 -5.25 -24.69 27.39
CA ASN A 185 -5.40 -25.15 28.75
C ASN A 185 -6.00 -24.01 29.60
N THR A 186 -7.08 -24.30 30.31
CA THR A 186 -7.87 -23.29 30.96
C THR A 186 -7.15 -22.65 32.16
N HIS A 187 -6.38 -23.46 32.90
CA HIS A 187 -5.59 -22.95 34.02
C HIS A 187 -4.60 -21.92 33.45
N HIS A 188 -3.95 -22.27 32.35
CA HIS A 188 -3.00 -21.37 31.68
C HIS A 188 -3.65 -20.12 31.15
N GLU A 189 -4.86 -20.28 30.61
CA GLU A 189 -5.61 -19.17 30.05
C GLU A 189 -5.92 -18.13 31.12
N ILE A 190 -6.39 -18.57 32.28
N ILE A 190 -6.41 -18.60 32.27
CA ILE A 190 -6.78 -17.54 33.24
CA ILE A 190 -6.81 -17.71 33.36
C ILE A 190 -5.62 -17.02 34.10
C ILE A 190 -5.59 -17.03 33.99
N GLU A 191 -4.58 -17.84 34.27
CA GLU A 191 -3.33 -17.36 34.86
C GLU A 191 -2.68 -16.30 33.98
N ALA A 192 -2.63 -16.54 32.67
CA ALA A 192 -2.05 -15.55 31.73
C ALA A 192 -2.80 -14.23 31.82
N ILE A 193 -4.12 -14.33 31.86
CA ILE A 193 -4.99 -13.14 31.96
C ILE A 193 -4.74 -12.38 33.28
N PHE A 194 -4.70 -13.10 34.40
CA PHE A 194 -4.42 -12.47 35.70
C PHE A 194 -3.05 -11.79 35.72
N LYS A 195 -2.02 -12.49 35.24
N LYS A 195 -2.02 -12.48 35.23
CA LYS A 195 -0.65 -11.95 35.16
CA LYS A 195 -0.66 -11.93 35.19
C LYS A 195 -0.59 -10.67 34.33
C LYS A 195 -0.58 -10.68 34.33
N ALA A 196 -1.19 -10.72 33.15
CA ALA A 196 -1.18 -9.59 32.20
C ALA A 196 -1.95 -8.39 32.74
N PHE A 197 -3.12 -8.62 33.31
CA PHE A 197 -3.88 -7.51 33.87
C PHE A 197 -3.08 -6.83 35.00
N SER A 198 -2.49 -7.67 35.86
CA SER A 198 -1.80 -7.23 37.05
C SER A 198 -0.62 -6.37 36.67
N ARG A 199 0.15 -6.83 35.67
CA ARG A 199 1.33 -6.09 35.22
C ARG A 199 0.93 -4.81 34.52
N ALA A 200 -0.08 -4.89 33.66
CA ALA A 200 -0.55 -3.72 32.96
C ALA A 200 -1.00 -2.66 33.97
N LEU A 201 -1.71 -3.08 35.00
CA LEU A 201 -2.17 -2.13 36.05
C LEU A 201 -1.00 -1.48 36.80
N GLY A 202 -0.09 -2.33 37.29
CA GLY A 202 1.14 -1.90 37.96
C GLY A 202 1.91 -0.88 37.12
N ILE A 203 1.99 -1.12 35.82
CA ILE A 203 2.65 -0.18 34.92
C ILE A 203 1.88 1.14 34.87
N ALA A 204 0.57 1.06 34.69
CA ALA A 204 -0.27 2.25 34.61
C ALA A 204 -0.24 3.08 35.90
N LEU A 205 -0.10 2.39 37.04
CA LEU A 205 -0.11 3.05 38.35
C LEU A 205 1.22 3.74 38.70
N THR A 206 2.26 3.50 37.91
CA THR A 206 3.60 4.06 38.15
C THR A 206 3.61 5.58 38.18
N ALA A 207 4.10 6.14 39.29
CA ALA A 207 4.17 7.60 39.44
C ALA A 207 5.12 8.20 38.40
N THR A 208 4.78 9.39 37.91
CA THR A 208 5.70 10.12 37.02
C THR A 208 6.18 11.40 37.68
N ALA B 29 32.44 -8.96 32.68
CA ALA B 29 31.57 -9.74 31.75
C ALA B 29 31.74 -11.25 31.89
N ILE B 31 31.60 -14.86 29.77
CA ILE B 31 31.64 -15.47 28.44
C ILE B 31 31.33 -16.94 28.56
N TYR B 32 30.33 -17.38 27.80
CA TYR B 32 29.93 -18.78 27.79
C TYR B 32 30.29 -19.34 26.44
N GLN B 33 30.85 -20.54 26.47
CA GLN B 33 31.57 -21.02 25.32
C GLN B 33 31.37 -22.52 25.24
N LYS B 34 31.30 -23.02 24.01
CA LYS B 34 30.97 -24.41 23.75
C LYS B 34 31.57 -24.83 22.43
N GLN B 35 32.16 -26.03 22.41
CA GLN B 35 32.61 -26.67 21.18
C GLN B 35 31.84 -27.96 20.97
N ARG B 36 31.20 -28.10 19.82
CA ARG B 36 30.35 -29.27 19.55
C ARG B 36 30.76 -29.91 18.25
N ASN B 37 31.18 -31.18 18.31
CA ASN B 37 31.65 -31.89 17.14
C ASN B 37 30.97 -33.26 16.98
N GLN B 42 31.08 -29.41 13.34
CA GLN B 42 32.27 -28.80 13.93
C GLN B 42 32.05 -27.32 14.23
N LEU B 43 31.56 -27.03 15.43
CA LEU B 43 31.21 -25.67 15.81
C LEU B 43 32.00 -25.22 17.04
N ASN B 44 32.42 -23.96 17.02
CA ASN B 44 32.99 -23.32 18.18
C ASN B 44 32.26 -22.00 18.40
N ILE B 45 31.56 -21.90 19.53
CA ILE B 45 30.69 -20.75 19.75
C ILE B 45 30.84 -20.18 21.14
N SER B 46 30.89 -18.85 21.22
CA SER B 46 30.83 -18.16 22.48
C SER B 46 29.80 -17.06 22.41
N ILE B 47 29.15 -16.82 23.53
CA ILE B 47 28.21 -15.72 23.69
C ILE B 47 28.58 -14.90 24.93
N SER B 48 28.35 -13.61 24.88
CA SER B 48 28.62 -12.73 26.03
C SER B 48 27.69 -11.54 26.08
N ASP B 49 27.26 -11.14 27.28
CA ASP B 49 26.41 -9.96 27.46
C ASP B 49 27.23 -8.69 27.70
N ASP B 50 28.26 -8.51 26.90
CA ASP B 50 29.02 -7.27 26.92
C ASP B 50 28.87 -6.62 25.54
N GLN B 51 29.82 -5.78 25.18
CA GLN B 51 29.74 -5.13 23.88
C GLN B 51 30.97 -5.29 22.98
N SER B 52 31.60 -6.45 23.08
CA SER B 52 32.71 -6.82 22.21
C SER B 52 32.24 -7.13 20.78
N PRO B 53 33.13 -6.92 19.78
CA PRO B 53 32.79 -7.27 18.39
C PRO B 53 32.40 -8.74 18.20
N SER B 54 31.46 -8.99 17.30
CA SER B 54 31.03 -10.35 16.97
C SER B 54 31.73 -10.81 15.72
N HIS B 55 32.08 -12.10 15.69
CA HIS B 55 32.64 -12.71 14.50
C HIS B 55 31.81 -13.93 14.15
N ILE B 56 31.04 -13.83 13.08
CA ILE B 56 30.10 -14.89 12.74
C ILE B 56 30.44 -15.58 11.42
N ASN B 57 30.89 -16.82 11.52
CA ASN B 57 31.28 -17.61 10.36
C ASN B 57 30.61 -18.97 10.37
N THR B 58 29.32 -18.98 9.99
CA THR B 58 28.51 -20.22 10.01
C THR B 58 28.70 -21.08 8.78
N GLY B 59 29.18 -20.46 7.71
CA GLY B 59 29.24 -21.12 6.40
C GLY B 59 27.93 -21.03 5.64
N VAL B 60 26.97 -20.23 6.15
CA VAL B 60 25.68 -20.01 5.50
C VAL B 60 25.46 -18.52 5.48
N GLY B 61 25.54 -17.93 4.29
CA GLY B 61 25.51 -16.48 4.13
C GLY B 61 24.31 -15.81 4.78
N PHE B 62 23.11 -16.35 4.52
CA PHE B 62 21.91 -15.71 5.03
C PHE B 62 21.88 -15.80 6.55
N LEU B 63 22.32 -16.94 7.08
CA LEU B 63 22.37 -17.15 8.53
C LEU B 63 23.36 -16.18 9.19
N ASN B 64 24.49 -15.94 8.52
CA ASN B 64 25.44 -14.90 8.96
C ASN B 64 24.76 -13.55 9.19
N HIS B 65 23.97 -13.11 8.21
N HIS B 65 23.99 -13.11 8.19
CA HIS B 65 23.32 -11.80 8.30
CA HIS B 65 23.28 -11.84 8.22
C HIS B 65 22.32 -11.77 9.45
C HIS B 65 22.28 -11.76 9.39
N LEU B 67 22.15 -13.71 12.26
CA LEU B 67 22.84 -13.75 13.56
C LEU B 67 23.58 -12.45 13.83
N THR B 68 24.03 -11.77 12.79
CA THR B 68 24.59 -10.42 12.99
C THR B 68 23.50 -9.50 13.53
N LEU B 69 22.28 -9.63 12.99
CA LEU B 69 21.14 -8.86 13.48
C LEU B 69 20.81 -9.20 14.93
N PHE B 70 20.82 -10.49 15.24
CA PHE B 70 20.60 -10.98 16.60
C PHE B 70 21.57 -10.29 17.56
N THR B 71 22.86 -10.28 17.22
CA THR B 71 23.85 -9.70 18.13
C THR B 71 23.55 -8.26 18.42
N PHE B 72 23.28 -7.47 17.37
CA PHE B 72 23.02 -6.04 17.54
C PHE B 72 21.76 -5.77 18.35
N HIS B 73 20.69 -6.51 18.06
CA HIS B 73 19.40 -6.22 18.70
C HIS B 73 19.19 -6.83 20.08
N SER B 74 19.94 -7.90 20.39
CA SER B 74 19.91 -8.51 21.73
C SER B 74 20.92 -7.87 22.70
N GLY B 75 21.93 -7.20 22.16
CA GLY B 75 23.06 -6.72 22.96
C GLY B 75 24.09 -7.77 23.30
N LEU B 76 23.90 -8.99 22.80
CA LEU B 76 24.82 -10.09 23.09
C LEU B 76 25.85 -10.27 21.99
N SER B 77 27.09 -10.57 22.38
CA SER B 77 28.16 -10.78 21.42
C SER B 77 28.26 -12.26 21.07
N LEU B 78 28.23 -12.55 19.79
CA LEU B 78 28.38 -13.90 19.32
C LEU B 78 29.66 -14.08 18.55
N ASN B 79 30.36 -15.16 18.84
CA ASN B 79 31.46 -15.57 18.01
C ASN B 79 31.27 -17.01 17.59
N ILE B 80 31.15 -17.20 16.29
CA ILE B 80 30.85 -18.51 15.76
C ILE B 80 31.89 -18.90 14.73
N GLU B 81 32.45 -20.09 14.92
CA GLU B 81 33.29 -20.69 13.93
C GLU B 81 32.76 -22.07 13.62
N ALA B 82 32.26 -22.24 12.40
CA ALA B 82 31.73 -23.52 11.95
C ALA B 82 32.60 -24.09 10.86
N GLN B 83 32.77 -25.42 10.86
CA GLN B 83 33.55 -26.13 9.85
C GLN B 83 32.79 -27.36 9.38
N GLY B 84 32.94 -27.72 8.10
CA GLY B 84 32.16 -28.81 7.52
C GLY B 84 32.95 -29.64 6.53
N ASP B 89 22.43 -30.22 4.91
CA ASP B 89 23.68 -29.44 5.02
C ASP B 89 23.45 -28.16 5.82
N ASP B 90 22.77 -27.19 5.19
CA ASP B 90 22.33 -25.98 5.91
C ASP B 90 21.44 -26.35 7.08
N HIS B 91 20.72 -27.46 6.98
CA HIS B 91 19.81 -27.89 8.05
C HIS B 91 20.60 -28.26 9.30
N HIS B 92 21.57 -29.15 9.15
CA HIS B 92 22.37 -29.56 10.29
C HIS B 92 23.07 -28.35 10.89
N VAL B 93 23.72 -27.57 10.06
CA VAL B 93 24.44 -26.37 10.51
C VAL B 93 23.52 -25.41 11.31
N THR B 94 22.38 -25.04 10.72
CA THR B 94 21.46 -24.10 11.36
C THR B 94 20.92 -24.63 12.67
N GLU B 95 20.49 -25.89 12.67
CA GLU B 95 19.98 -26.54 13.87
C GLU B 95 21.05 -26.66 14.97
N ASP B 96 22.25 -27.09 14.60
CA ASP B 96 23.33 -27.28 15.60
C ASP B 96 23.75 -25.95 16.20
N ILE B 97 23.83 -24.91 15.38
CA ILE B 97 24.07 -23.56 15.87
C ILE B 97 22.93 -23.08 16.82
N GLY B 98 21.69 -23.37 16.44
CA GLY B 98 20.54 -23.01 17.30
C GLY B 98 20.56 -23.72 18.64
N ILE B 99 20.90 -25.01 18.62
CA ILE B 99 20.97 -25.81 19.83
C ILE B 99 22.06 -25.25 20.81
N VAL B 100 23.23 -24.94 20.28
CA VAL B 100 24.35 -24.43 21.09
C VAL B 100 24.04 -23.06 21.65
N ILE B 101 23.50 -22.17 20.82
CA ILE B 101 23.08 -20.85 21.29
C ILE B 101 22.05 -20.99 22.40
N GLY B 102 21.07 -21.88 22.24
CA GLY B 102 20.07 -22.11 23.29
C GLY B 102 20.71 -22.58 24.59
N GLN B 103 21.64 -23.53 24.48
CA GLN B 103 22.33 -24.10 25.64
C GLN B 103 23.20 -23.05 26.36
N LEU B 104 23.90 -22.22 25.59
CA LEU B 104 24.72 -21.15 26.18
C LEU B 104 23.84 -20.09 26.82
N LEU B 105 22.69 -19.80 26.20
CA LEU B 105 21.74 -18.86 26.79
C LEU B 105 21.27 -19.36 28.14
N LEU B 106 21.00 -20.65 28.23
CA LEU B 106 20.53 -21.23 29.50
C LEU B 106 21.62 -21.04 30.57
N GLU B 107 22.86 -21.32 30.21
CA GLU B 107 23.98 -21.08 31.14
C GLU B 107 24.02 -19.64 31.61
N ILE B 109 21.46 -17.51 31.64
CA ILE B 109 20.26 -17.26 32.41
C ILE B 109 20.39 -17.80 33.84
N LYS B 110 20.92 -19.01 33.95
CA LYS B 110 21.18 -19.63 35.25
C LYS B 110 22.01 -18.72 36.16
N ASP B 111 23.05 -18.09 35.62
CA ASP B 111 23.92 -17.21 36.40
C ASP B 111 23.33 -15.85 36.76
N LYS B 112 22.42 -15.34 35.93
CA LYS B 112 21.67 -14.16 36.32
C LYS B 112 20.62 -14.60 37.33
N LYS B 113 20.33 -13.76 38.31
CA LYS B 113 19.29 -14.11 39.28
C LYS B 113 18.07 -13.21 39.13
N HIS B 114 18.32 -11.92 38.92
CA HIS B 114 17.28 -10.91 38.81
C HIS B 114 17.28 -10.24 37.44
N PHE B 115 16.25 -10.54 36.63
CA PHE B 115 16.08 -9.92 35.31
C PHE B 115 14.59 -9.60 35.06
N VAL B 116 14.34 -8.76 34.05
CA VAL B 116 12.98 -8.33 33.69
C VAL B 116 12.07 -9.54 33.36
N ARG B 117 12.66 -10.57 32.75
CA ARG B 117 12.00 -11.86 32.50
C ARG B 117 11.05 -11.87 31.29
N TYR B 118 10.21 -10.84 31.19
CA TYR B 118 9.22 -10.72 30.11
C TYR B 118 9.65 -9.67 29.10
N GLY B 119 9.64 -10.02 27.81
CA GLY B 119 9.89 -9.04 26.75
C GLY B 119 8.97 -9.26 25.56
N THR B 120 8.40 -8.17 25.04
CA THR B 120 7.58 -8.17 23.82
C THR B 120 8.09 -7.09 22.85
N TYR B 122 7.36 -5.50 18.75
CA TYR B 122 6.78 -5.42 17.42
C TYR B 122 7.84 -4.82 16.50
N ILE B 123 8.07 -5.47 15.36
CA ILE B 123 8.97 -4.89 14.35
C ILE B 123 8.28 -4.86 12.98
N PRO B 124 8.19 -3.66 12.37
CA PRO B 124 7.72 -3.54 11.01
C PRO B 124 8.90 -3.60 10.03
N ASP B 126 8.80 -2.72 6.10
CA ASP B 126 7.89 -2.31 5.05
C ASP B 126 6.52 -2.97 5.27
N GLU B 127 6.09 -3.84 4.35
CA GLU B 127 4.76 -4.47 4.40
C GLU B 127 4.57 -5.42 5.60
N THR B 128 5.68 -5.91 6.13
CA THR B 128 5.65 -6.95 7.15
C THR B 128 5.53 -6.35 8.54
N LEU B 129 4.82 -7.04 9.42
CA LEU B 129 4.83 -6.72 10.85
C LEU B 129 4.94 -8.02 11.63
N ALA B 130 5.95 -8.11 12.52
CA ALA B 130 6.06 -9.26 13.39
C ALA B 130 5.98 -8.87 14.86
N ARG B 131 5.42 -9.78 15.65
CA ARG B 131 5.43 -9.65 17.11
C ARG B 131 6.09 -10.88 17.70
N VAL B 132 7.02 -10.66 18.62
CA VAL B 132 7.60 -11.77 19.37
C VAL B 132 7.49 -11.48 20.86
N VAL B 133 7.04 -12.49 21.60
CA VAL B 133 6.84 -12.43 23.04
C VAL B 133 7.76 -13.49 23.63
N VAL B 134 8.66 -13.09 24.53
CA VAL B 134 9.46 -14.09 25.27
C VAL B 134 9.32 -14.01 26.77
N ASP B 135 9.28 -15.18 27.39
CA ASP B 135 9.25 -15.29 28.83
C ASP B 135 10.40 -16.21 29.20
N ILE B 136 11.40 -15.66 29.92
CA ILE B 136 12.45 -16.50 30.50
C ILE B 136 11.82 -17.23 31.69
N SER B 137 11.09 -18.30 31.40
CA SER B 137 10.22 -18.97 32.34
C SER B 137 10.81 -20.26 32.90
N GLY B 138 11.75 -20.84 32.17
CA GLY B 138 12.23 -22.19 32.47
C GLY B 138 11.33 -23.30 31.93
N ARG B 139 10.22 -22.93 31.29
CA ARG B 139 9.35 -23.91 30.64
C ARG B 139 9.57 -23.85 29.11
N PRO B 140 10.26 -24.84 28.54
CA PRO B 140 10.63 -24.75 27.13
C PRO B 140 9.40 -24.93 26.22
N TYR B 141 9.09 -23.90 25.44
CA TYR B 141 7.86 -23.88 24.62
C TYR B 141 7.95 -22.82 23.53
N LEU B 142 7.69 -23.23 22.29
CA LEU B 142 7.62 -22.31 21.15
C LEU B 142 6.29 -22.41 20.43
N SER B 143 5.63 -21.27 20.24
CA SER B 143 4.48 -21.16 19.36
C SER B 143 4.90 -20.33 18.15
N PHE B 144 5.11 -21.01 17.02
CA PHE B 144 5.62 -20.36 15.81
C PHE B 144 4.48 -20.21 14.81
N ASN B 145 4.08 -18.99 14.54
CA ASN B 145 2.87 -18.76 13.75
C ASN B 145 3.21 -17.76 12.66
N ALA B 146 3.86 -18.25 11.61
CA ALA B 146 4.34 -17.43 10.52
C ALA B 146 4.44 -18.27 9.25
N SER B 147 3.57 -17.99 8.28
CA SER B 147 3.63 -18.65 6.98
C SER B 147 4.45 -17.75 6.09
N LEU B 148 5.69 -18.18 5.81
CA LEU B 148 6.60 -17.36 5.03
C LEU B 148 6.25 -17.45 3.55
N SER B 149 6.46 -16.37 2.81
CA SER B 149 5.94 -16.23 1.44
C SER B 149 6.63 -17.05 0.36
N LYS B 150 7.90 -17.43 0.55
CA LYS B 150 8.64 -18.15 -0.47
C LYS B 150 9.39 -19.33 0.15
N GLU B 151 9.72 -20.33 -0.64
CA GLU B 151 10.39 -21.52 -0.13
C GLU B 151 11.90 -21.27 0.11
N LYS B 152 12.43 -20.27 -0.58
CA LYS B 152 13.83 -19.87 -0.46
C LYS B 152 14.00 -18.37 -0.44
N VAL B 153 15.02 -17.91 0.29
CA VAL B 153 15.57 -16.58 0.09
C VAL B 153 17.01 -16.78 -0.36
N GLY B 154 17.31 -16.35 -1.58
CA GLY B 154 18.54 -16.75 -2.26
C GLY B 154 18.63 -18.27 -2.26
N THR B 155 19.67 -18.79 -1.61
CA THR B 155 19.88 -20.22 -1.60
C THR B 155 19.39 -20.86 -0.28
N PHE B 156 18.94 -20.02 0.64
CA PHE B 156 18.55 -20.47 2.00
C PHE B 156 17.11 -21.01 2.07
N ASP B 157 16.97 -22.26 2.53
CA ASP B 157 15.66 -22.88 2.78
C ASP B 157 14.97 -22.21 3.94
N THR B 158 13.86 -21.56 3.63
CA THR B 158 13.09 -20.75 4.52
C THR B 158 12.46 -21.62 5.66
N GLU B 159 12.21 -22.90 5.40
CA GLU B 159 11.77 -23.80 6.49
C GLU B 159 12.78 -23.90 7.66
N LEU B 160 14.01 -23.45 7.43
CA LEU B 160 15.06 -23.52 8.46
C LEU B 160 14.84 -22.49 9.55
N VAL B 161 14.11 -21.42 9.24
CA VAL B 161 13.87 -20.37 10.22
C VAL B 161 13.16 -20.93 11.48
N GLU B 162 12.09 -21.69 11.28
CA GLU B 162 11.40 -22.29 12.43
C GLU B 162 12.30 -23.32 13.13
N GLU B 163 13.06 -24.10 12.36
CA GLU B 163 14.01 -25.05 12.98
C GLU B 163 15.03 -24.36 13.89
N PHE B 164 15.50 -23.18 13.49
CA PHE B 164 16.48 -22.42 14.26
C PHE B 164 15.86 -21.95 15.57
N PHE B 165 14.67 -21.33 15.47
CA PHE B 165 14.00 -20.83 16.65
C PHE B 165 13.55 -21.89 17.64
N ARG B 166 13.12 -23.04 17.13
N ARG B 166 13.10 -23.05 17.16
CA ARG B 166 12.81 -24.21 17.94
CA ARG B 166 12.82 -24.16 18.06
C ARG B 166 14.03 -24.68 18.73
C ARG B 166 14.08 -24.60 18.79
N ALA B 167 15.19 -24.75 18.06
CA ALA B 167 16.44 -25.19 18.69
C ALA B 167 16.88 -24.22 19.80
N VAL B 168 16.83 -22.92 19.51
CA VAL B 168 17.21 -21.89 20.49
C VAL B 168 16.28 -21.85 21.70
N VAL B 169 14.99 -21.73 21.45
CA VAL B 169 13.98 -21.51 22.48
C VAL B 169 13.88 -22.70 23.41
N ILE B 170 13.90 -23.89 22.85
CA ILE B 170 13.71 -25.09 23.66
C ILE B 170 14.94 -25.34 24.53
N ASN B 171 16.12 -25.17 23.97
CA ASN B 171 17.36 -25.43 24.72
C ASN B 171 17.72 -24.33 25.71
N ALA B 172 17.30 -23.10 25.41
CA ALA B 172 17.35 -22.00 26.36
C ALA B 172 16.28 -22.04 27.45
N ARG B 173 15.31 -22.96 27.32
CA ARG B 173 14.16 -23.08 28.23
C ARG B 173 13.36 -21.78 28.33
N LEU B 174 13.12 -21.15 27.17
CA LEU B 174 12.23 -19.98 27.08
C LEU B 174 10.84 -20.42 26.66
N THR B 175 9.83 -19.65 27.06
CA THR B 175 8.51 -19.75 26.43
C THR B 175 8.48 -18.58 25.42
N THR B 176 8.23 -18.89 24.15
CA THR B 176 8.29 -17.85 23.11
C THR B 176 7.11 -17.99 22.13
N HIS B 177 6.43 -16.88 21.85
CA HIS B 177 5.41 -16.83 20.80
C HIS B 177 5.89 -15.91 19.68
N ILE B 178 6.01 -16.47 18.48
CA ILE B 178 6.37 -15.70 17.30
C ILE B 178 5.14 -15.62 16.38
N ASP B 179 4.77 -14.39 16.01
CA ASP B 179 3.58 -14.16 15.18
C ASP B 179 3.92 -13.20 14.05
N LEU B 180 3.69 -13.64 12.82
CA LEU B 180 3.76 -12.76 11.68
C LEU B 180 2.39 -12.17 11.51
N ILE B 181 2.21 -10.91 11.87
CA ILE B 181 0.88 -10.29 11.82
C ILE B 181 0.47 -10.04 10.37
N ARG B 182 1.42 -9.60 9.56
CA ARG B 182 1.24 -9.52 8.10
C ARG B 182 2.60 -9.63 7.44
N GLY B 183 2.63 -10.10 6.19
CA GLY B 183 3.89 -10.24 5.49
C GLY B 183 3.73 -9.87 4.04
N GLY B 184 4.57 -10.44 3.20
CA GLY B 184 4.56 -10.14 1.76
C GLY B 184 5.90 -10.49 1.15
N ASN B 185 6.97 -9.91 1.70
CA ASN B 185 8.35 -10.20 1.23
C ASN B 185 9.04 -11.10 2.26
N THR B 186 9.56 -12.23 1.80
CA THR B 186 10.09 -13.27 2.67
C THR B 186 11.34 -12.80 3.43
N HIS B 187 12.22 -12.05 2.76
CA HIS B 187 13.40 -11.50 3.41
C HIS B 187 12.97 -10.60 4.59
N HIS B 188 11.99 -9.74 4.34
CA HIS B 188 11.43 -8.85 5.35
C HIS B 188 10.79 -9.64 6.48
N GLU B 189 10.10 -10.73 6.13
CA GLU B 189 9.38 -11.54 7.09
C GLU B 189 10.36 -12.15 8.10
N ILE B 190 11.38 -12.81 7.58
CA ILE B 190 12.39 -13.41 8.42
C ILE B 190 13.16 -12.36 9.22
N GLU B 191 13.52 -11.26 8.57
CA GLU B 191 14.26 -10.19 9.26
C GLU B 191 13.46 -9.57 10.40
N ALA B 192 12.19 -9.24 10.17
CA ALA B 192 11.33 -8.73 11.25
C ALA B 192 11.26 -9.71 12.43
N ILE B 193 11.16 -11.00 12.13
CA ILE B 193 11.12 -12.03 13.18
C ILE B 193 12.44 -12.09 13.99
N PHE B 194 13.58 -12.11 13.30
CA PHE B 194 14.87 -12.07 13.98
C PHE B 194 15.06 -10.80 14.79
N LYS B 195 14.70 -9.65 14.24
CA LYS B 195 14.79 -8.39 14.97
C LYS B 195 13.92 -8.39 16.23
N ALA B 196 12.66 -8.79 16.09
CA ALA B 196 11.74 -8.80 17.20
C ALA B 196 12.14 -9.79 18.29
N PHE B 197 12.53 -11.01 17.92
CA PHE B 197 12.95 -11.98 18.91
C PHE B 197 14.16 -11.47 19.71
N SER B 198 15.16 -10.96 19.00
CA SER B 198 16.40 -10.47 19.62
C SER B 198 16.09 -9.36 20.61
N ARG B 199 15.27 -8.40 20.20
CA ARG B 199 14.95 -7.28 21.03
C ARG B 199 14.15 -7.71 22.25
N ALA B 200 13.15 -8.57 22.04
CA ALA B 200 12.34 -9.11 23.13
C ALA B 200 13.22 -9.87 24.13
N LEU B 201 14.12 -10.70 23.61
CA LEU B 201 15.08 -11.43 24.44
C LEU B 201 15.95 -10.46 25.23
N GLY B 202 16.56 -9.50 24.53
CA GLY B 202 17.35 -8.44 25.16
C GLY B 202 16.59 -7.82 26.33
N ILE B 203 15.34 -7.39 26.08
CA ILE B 203 14.51 -6.76 27.12
C ILE B 203 14.34 -7.68 28.32
N ALA B 204 14.01 -8.95 28.06
CA ALA B 204 13.79 -9.94 29.10
C ALA B 204 15.05 -10.21 29.95
N LEU B 205 16.22 -10.17 29.32
CA LEU B 205 17.50 -10.42 30.00
C LEU B 205 17.99 -9.23 30.82
N THR B 206 17.32 -8.09 30.70
CA THR B 206 17.73 -6.88 31.42
C THR B 206 17.73 -7.08 32.93
N ALA B 207 18.88 -6.81 33.55
CA ALA B 207 19.08 -6.99 35.00
C ALA B 207 18.10 -6.14 35.81
N THR B 208 17.64 -6.70 36.92
CA THR B 208 16.67 -6.00 37.78
C THR B 208 17.25 -5.68 39.17
N ILE C 31 13.97 24.52 17.12
CA ILE C 31 12.68 24.77 16.51
C ILE C 31 12.75 24.56 14.99
N TYR C 32 11.74 23.88 14.45
CA TYR C 32 11.68 23.52 13.04
C TYR C 32 10.42 24.14 12.46
N GLN C 33 10.56 24.78 11.30
CA GLN C 33 9.63 25.83 10.90
C GLN C 33 9.55 25.95 9.38
N LYS C 34 8.34 26.09 8.85
CA LYS C 34 8.16 26.49 7.45
C LYS C 34 6.78 26.99 7.10
N GLN C 35 6.69 27.67 5.96
CA GLN C 35 5.40 28.11 5.46
C GLN C 35 5.18 27.75 3.99
N ARG C 36 3.91 27.54 3.64
CA ARG C 36 3.48 27.25 2.27
C ARG C 36 2.44 28.25 1.79
N THR C 41 -3.59 29.78 -0.68
CA THR C 41 -3.56 29.43 0.74
C THR C 41 -2.39 30.14 1.41
N GLN C 42 -2.41 30.16 2.73
CA GLN C 42 -1.21 30.42 3.51
C GLN C 42 -1.17 29.47 4.70
N LEU C 43 -0.09 28.70 4.79
CA LEU C 43 0.13 27.76 5.87
C LEU C 43 1.44 28.08 6.58
N ASN C 44 1.39 28.15 7.91
CA ASN C 44 2.56 28.50 8.72
C ASN C 44 2.67 27.53 9.90
N ILE C 45 3.73 26.72 9.92
CA ILE C 45 3.83 25.66 10.91
C ILE C 45 5.20 25.56 11.54
N SER C 46 5.20 25.39 12.85
CA SER C 46 6.41 25.08 13.60
C SER C 46 6.19 23.91 14.55
N ILE C 47 7.27 23.17 14.76
CA ILE C 47 7.28 22.05 15.68
C ILE C 47 8.55 22.13 16.55
N SER C 48 8.47 21.64 17.78
CA SER C 48 9.59 21.70 18.70
C SER C 48 9.49 20.60 19.74
N ASP C 49 10.61 19.91 20.01
CA ASP C 49 10.65 18.89 21.06
C ASP C 49 10.93 19.50 22.44
N ASP C 50 10.12 20.46 22.83
CA ASP C 50 10.22 21.02 24.15
C ASP C 50 8.81 21.16 24.70
N GLN C 51 8.65 22.01 25.71
CA GLN C 51 7.36 22.16 26.35
C GLN C 51 6.68 23.49 26.12
N SER C 52 7.16 24.25 25.13
CA SER C 52 6.52 25.51 24.74
C SER C 52 5.04 25.25 24.40
N PRO C 53 4.20 26.31 24.47
CA PRO C 53 2.76 26.07 24.27
C PRO C 53 2.41 25.82 22.80
N SER C 54 1.28 25.15 22.58
CA SER C 54 0.80 24.85 21.23
C SER C 54 -0.39 25.70 20.86
N HIS C 55 -0.33 26.33 19.70
CA HIS C 55 -1.47 27.04 19.15
C HIS C 55 -1.82 26.41 17.80
N ILE C 56 -2.98 25.76 17.74
CA ILE C 56 -3.39 25.06 16.51
C ILE C 56 -4.64 25.68 15.89
N ASN C 57 -4.47 26.28 14.72
CA ASN C 57 -5.56 26.90 14.00
C ASN C 57 -5.50 26.47 12.53
N THR C 58 -6.13 25.34 12.23
CA THR C 58 -6.08 24.74 10.89
C THR C 58 -7.25 25.18 10.03
N GLY C 59 -8.27 25.73 10.67
CA GLY C 59 -9.52 26.04 9.99
C GLY C 59 -10.46 24.84 10.00
N VAL C 60 -9.97 23.70 10.47
CA VAL C 60 -10.79 22.48 10.57
C VAL C 60 -10.92 22.07 12.02
N GLY C 61 -12.12 22.23 12.58
CA GLY C 61 -12.37 22.03 14.00
C GLY C 61 -11.95 20.67 14.52
N PHE C 62 -12.36 19.61 13.80
CA PHE C 62 -11.99 18.25 14.21
C PHE C 62 -10.49 18.05 14.17
N LEU C 63 -9.84 18.53 13.12
CA LEU C 63 -8.38 18.38 13.01
C LEU C 63 -7.66 19.19 14.09
N ASN C 64 -8.19 20.37 14.41
CA ASN C 64 -7.72 21.11 15.60
C ASN C 64 -7.63 20.20 16.85
N HIS C 65 -8.71 19.46 17.13
N HIS C 65 -8.72 19.47 17.12
CA HIS C 65 -8.75 18.59 18.29
CA HIS C 65 -8.80 18.58 18.27
C HIS C 65 -7.74 17.45 18.22
C HIS C 65 -7.78 17.44 18.23
N LEU C 67 -4.95 17.25 16.46
CA LEU C 67 -3.59 17.77 16.51
C LEU C 67 -3.20 18.23 17.91
N THR C 68 -4.20 18.65 18.67
CA THR C 68 -4.02 18.95 20.11
C THR C 68 -3.65 17.67 20.86
N LEU C 69 -4.33 16.58 20.54
CA LEU C 69 -3.96 15.27 21.09
C LEU C 69 -2.55 14.89 20.69
N PHE C 70 -2.22 15.08 19.41
CA PHE C 70 -0.88 14.79 18.95
C PHE C 70 0.21 15.50 19.79
N THR C 71 0.01 16.80 20.05
CA THR C 71 1.01 17.56 20.80
C THR C 71 1.20 16.98 22.19
N PHE C 72 0.09 16.73 22.87
CA PHE C 72 0.12 16.23 24.24
C PHE C 72 0.75 14.86 24.33
N HIS C 73 0.40 14.00 23.37
CA HIS C 73 0.86 12.61 23.43
C HIS C 73 2.24 12.34 22.84
N SER C 74 2.67 13.17 21.91
CA SER C 74 4.04 13.06 21.34
C SER C 74 5.07 13.81 22.17
N GLY C 75 4.62 14.78 22.95
CA GLY C 75 5.53 15.68 23.64
C GLY C 75 6.11 16.78 22.74
N LEU C 76 5.65 16.85 21.50
CA LEU C 76 6.13 17.87 20.56
C LEU C 76 5.15 19.03 20.52
N SER C 77 5.66 20.24 20.72
CA SER C 77 4.85 21.46 20.62
C SER C 77 4.59 21.76 19.15
N LEU C 78 3.34 21.99 18.80
CA LEU C 78 2.98 22.35 17.44
C LEU C 78 2.30 23.70 17.39
N ASN C 79 2.76 24.55 16.48
CA ASN C 79 2.05 25.79 16.21
C ASN C 79 1.66 25.88 14.75
N ILE C 80 0.36 26.02 14.50
CA ILE C 80 -0.17 25.97 13.16
C ILE C 80 -1.12 27.12 12.93
N GLU C 81 -0.88 27.83 11.84
CA GLU C 81 -1.77 28.88 11.40
C GLU C 81 -2.05 28.70 9.92
N ALA C 82 -3.32 28.45 9.61
CA ALA C 82 -3.77 28.33 8.23
C ALA C 82 -4.73 29.46 7.92
N GLN C 83 -4.60 30.04 6.73
CA GLN C 83 -5.53 31.06 6.25
C GLN C 83 -5.76 30.92 4.75
N GLY C 84 -7.01 31.09 4.34
CA GLY C 84 -7.38 30.88 2.94
C GLY C 84 -8.87 31.10 2.68
N ASP C 89 -11.07 20.53 -0.07
CA ASP C 89 -10.99 21.74 0.76
C ASP C 89 -10.44 21.42 2.13
N ASP C 90 -11.23 20.72 2.97
CA ASP C 90 -10.69 20.06 4.16
C ASP C 90 -9.62 19.07 3.71
N HIS C 91 -9.83 18.49 2.53
CA HIS C 91 -8.87 17.54 1.97
C HIS C 91 -7.53 18.21 1.75
N HIS C 92 -7.52 19.35 1.05
CA HIS C 92 -6.26 20.04 0.77
C HIS C 92 -5.59 20.54 2.05
N VAL C 93 -6.36 21.18 2.92
CA VAL C 93 -5.82 21.65 4.22
C VAL C 93 -5.21 20.48 5.01
N THR C 94 -5.95 19.39 5.13
CA THR C 94 -5.53 18.27 5.95
C THR C 94 -4.24 17.67 5.40
N GLU C 95 -4.19 17.44 4.10
CA GLU C 95 -3.03 16.83 3.48
C GLU C 95 -1.79 17.75 3.53
N ASP C 96 -2.02 19.05 3.33
CA ASP C 96 -0.93 20.03 3.31
C ASP C 96 -0.28 20.16 4.69
N ILE C 97 -1.10 20.10 5.73
CA ILE C 97 -0.61 20.09 7.09
C ILE C 97 0.19 18.83 7.39
N GLY C 98 -0.34 17.69 6.97
CA GLY C 98 0.37 16.42 7.13
C GLY C 98 1.71 16.40 6.42
N ILE C 99 1.76 16.91 5.19
CA ILE C 99 3.02 16.93 4.44
C ILE C 99 4.11 17.75 5.18
N VAL C 100 3.73 18.92 5.67
CA VAL C 100 4.66 19.84 6.33
C VAL C 100 5.11 19.29 7.66
N ILE C 101 4.16 18.83 8.48
CA ILE C 101 4.51 18.15 9.72
C ILE C 101 5.49 17.01 9.46
N GLY C 102 5.23 16.22 8.42
CA GLY C 102 6.15 15.15 8.03
C GLY C 102 7.53 15.66 7.64
N GLN C 103 7.59 16.72 6.85
CA GLN C 103 8.86 17.30 6.39
C GLN C 103 9.67 17.88 7.57
N LEU C 104 8.96 18.51 8.49
CA LEU C 104 9.57 19.06 9.72
C LEU C 104 10.01 17.97 10.69
N LEU C 105 9.24 16.88 10.80
CA LEU C 105 9.70 15.73 11.59
C LEU C 105 11.00 15.18 11.04
N LEU C 106 11.10 15.12 9.73
CA LEU C 106 12.32 14.63 9.10
C LEU C 106 13.53 15.54 9.43
N GLU C 107 13.31 16.86 9.46
CA GLU C 107 14.36 17.81 9.87
C GLU C 107 14.82 17.48 11.28
N ILE C 109 14.44 14.65 13.01
CA ILE C 109 15.06 13.32 13.02
C ILE C 109 16.50 13.39 12.54
N LYS C 110 16.72 14.15 11.47
CA LYS C 110 18.05 14.26 10.89
C LYS C 110 19.06 14.89 11.84
N ASP C 111 18.58 15.80 12.72
CA ASP C 111 19.44 16.40 13.72
C ASP C 111 19.73 15.47 14.88
N LYS C 112 18.72 14.71 15.31
CA LYS C 112 18.89 13.76 16.42
C LYS C 112 19.92 12.71 16.06
N LYS C 113 20.74 12.35 17.03
CA LYS C 113 21.81 11.38 16.79
C LYS C 113 21.31 9.98 17.17
N HIS C 114 21.40 9.68 18.47
CA HIS C 114 20.93 8.41 18.98
C HIS C 114 19.49 8.57 19.45
N PHE C 115 18.63 7.64 19.04
CA PHE C 115 17.26 7.61 19.51
C PHE C 115 16.73 6.19 19.57
N VAL C 116 15.67 6.00 20.34
CA VAL C 116 15.11 4.69 20.61
C VAL C 116 14.68 3.98 19.30
N ARG C 117 14.18 4.78 18.35
CA ARG C 117 13.86 4.34 16.97
C ARG C 117 12.53 3.59 16.80
N TYR C 118 12.30 2.61 17.67
CA TYR C 118 11.09 1.78 17.64
C TYR C 118 10.10 2.19 18.72
N GLY C 119 8.82 2.29 18.37
CA GLY C 119 7.78 2.57 19.34
C GLY C 119 6.48 1.86 18.98
N THR C 120 5.80 1.34 20.00
CA THR C 120 4.52 0.66 19.83
C THR C 120 3.62 1.15 20.93
N TYR C 122 -0.59 0.69 22.32
CA TYR C 122 -2.00 0.33 22.29
C TYR C 122 -2.74 1.39 23.08
N ILE C 123 -3.83 1.89 22.50
CA ILE C 123 -4.74 2.84 23.18
C ILE C 123 -6.19 2.34 23.10
N PRO C 124 -6.84 2.13 24.26
CA PRO C 124 -8.27 1.83 24.26
C PRO C 124 -9.11 3.12 24.35
N ASP C 126 -12.99 3.31 25.17
CA ASP C 126 -14.18 2.50 25.42
C ASP C 126 -14.10 1.20 24.60
N GLU C 127 -15.02 1.03 23.66
CA GLU C 127 -15.11 -0.16 22.81
C GLU C 127 -13.94 -0.34 21.84
N THR C 128 -13.27 0.77 21.51
CA THR C 128 -12.22 0.76 20.51
C THR C 128 -10.87 0.36 21.10
N LEU C 129 -10.10 -0.39 20.33
CA LEU C 129 -8.70 -0.60 20.67
C LEU C 129 -7.85 -0.39 19.42
N ALA C 130 -6.88 0.50 19.48
CA ALA C 130 -5.98 0.68 18.35
C ALA C 130 -4.55 0.35 18.73
N ARG C 131 -3.79 -0.16 17.77
CA ARG C 131 -2.35 -0.35 17.93
C ARG C 131 -1.62 0.41 16.83
N VAL C 132 -0.56 1.14 17.20
CA VAL C 132 0.26 1.79 16.19
C VAL C 132 1.69 1.45 16.48
N VAL C 133 2.39 1.02 15.45
CA VAL C 133 3.79 0.66 15.51
C VAL C 133 4.54 1.66 14.62
N VAL C 134 5.55 2.32 15.19
CA VAL C 134 6.34 3.30 14.43
C VAL C 134 7.81 2.88 14.43
N ASP C 135 8.43 2.88 13.25
CA ASP C 135 9.88 2.71 13.11
C ASP C 135 10.44 3.93 12.37
N ILE C 136 11.28 4.71 13.05
CA ILE C 136 12.05 5.79 12.39
C ILE C 136 13.18 5.12 11.59
N SER C 137 12.84 4.67 10.39
CA SER C 137 13.68 3.76 9.67
C SER C 137 14.38 4.42 8.49
N GLY C 138 13.82 5.52 8.02
CA GLY C 138 14.26 6.15 6.75
C GLY C 138 13.63 5.52 5.51
N ARG C 139 12.81 4.48 5.70
CA ARG C 139 12.07 3.85 4.61
C ARG C 139 10.58 4.25 4.69
N PRO C 140 10.13 5.17 3.83
CA PRO C 140 8.76 5.68 3.94
C PRO C 140 7.75 4.60 3.58
N TYR C 141 6.90 4.21 4.54
CA TYR C 141 5.91 3.15 4.33
C TYR C 141 4.80 3.24 5.37
N LEU C 142 3.55 3.29 4.90
CA LEU C 142 2.39 3.21 5.79
C LEU C 142 1.51 2.01 5.46
N SER C 143 1.26 1.18 6.47
CA SER C 143 0.21 0.17 6.39
C SER C 143 -0.95 0.64 7.25
N PHE C 144 -2.05 1.03 6.62
CA PHE C 144 -3.17 1.61 7.33
C PHE C 144 -4.33 0.64 7.29
N ASN C 145 -4.66 0.08 8.45
CA ASN C 145 -5.62 -1.02 8.54
C ASN C 145 -6.72 -0.67 9.53
N ALA C 146 -7.68 0.10 9.07
CA ALA C 146 -8.70 0.60 9.98
C ALA C 146 -9.92 0.94 9.18
N SER C 147 -11.00 0.18 9.35
CA SER C 147 -12.24 0.48 8.69
C SER C 147 -13.11 1.30 9.61
N LEU C 148 -13.21 2.59 9.33
CA LEU C 148 -13.87 3.51 10.25
C LEU C 148 -15.38 3.38 10.10
N SER C 149 -16.10 3.53 11.20
CA SER C 149 -17.52 3.16 11.23
C SER C 149 -18.47 4.11 10.51
N LYS C 150 -18.12 5.39 10.34
CA LYS C 150 -19.05 6.33 9.74
C LYS C 150 -18.32 7.17 8.69
N GLU C 151 -19.06 7.73 7.74
CA GLU C 151 -18.45 8.52 6.68
C GLU C 151 -18.02 9.92 7.19
N LYS C 152 -18.69 10.39 8.24
CA LYS C 152 -18.40 11.70 8.84
C LYS C 152 -18.37 11.66 10.35
N VAL C 153 -17.49 12.49 10.93
CA VAL C 153 -17.63 12.89 12.34
C VAL C 153 -17.89 14.39 12.34
N GLY C 154 -19.09 14.78 12.76
CA GLY C 154 -19.57 16.14 12.51
C GLY C 154 -19.57 16.44 11.01
N THR C 155 -18.84 17.48 10.62
CA THR C 155 -18.70 17.88 9.22
C THR C 155 -17.42 17.30 8.60
N PHE C 156 -16.60 16.64 9.41
CA PHE C 156 -15.28 16.17 8.98
C PHE C 156 -15.36 14.84 8.23
N ASP C 157 -14.87 14.80 6.99
CA ASP C 157 -14.82 13.54 6.21
C ASP C 157 -13.79 12.57 6.79
N THR C 158 -14.29 11.44 7.21
CA THR C 158 -13.53 10.42 7.90
C THR C 158 -12.40 9.80 7.01
N GLU C 159 -12.59 9.83 5.69
CA GLU C 159 -11.55 9.35 4.76
C GLU C 159 -10.26 10.21 4.83
N LEU C 160 -10.39 11.40 5.43
CA LEU C 160 -9.25 12.31 5.60
C LEU C 160 -8.20 11.78 6.58
N VAL C 161 -8.62 10.90 7.49
CA VAL C 161 -7.70 10.36 8.48
C VAL C 161 -6.53 9.62 7.85
N GLU C 162 -6.82 8.65 6.98
CA GLU C 162 -5.76 7.96 6.24
C GLU C 162 -4.90 8.93 5.40
N GLU C 163 -5.53 9.93 4.79
CA GLU C 163 -4.77 10.89 3.96
C GLU C 163 -3.77 11.68 4.82
N PHE C 164 -4.19 12.05 6.03
CA PHE C 164 -3.30 12.75 6.95
C PHE C 164 -2.10 11.88 7.30
N PHE C 165 -2.38 10.64 7.72
CA PHE C 165 -1.30 9.77 8.14
C PHE C 165 -0.34 9.40 7.03
N ARG C 166 -0.82 9.18 5.81
N ARG C 166 -0.86 9.18 5.83
CA ARG C 166 0.14 8.94 4.71
CA ARG C 166 -0.03 8.96 4.64
C ARG C 166 1.02 10.17 4.48
C ARG C 166 0.94 10.14 4.39
N ALA C 167 0.42 11.36 4.50
CA ALA C 167 1.22 12.59 4.30
C ALA C 167 2.36 12.69 5.35
N VAL C 168 2.06 12.47 6.61
CA VAL C 168 3.06 12.59 7.69
C VAL C 168 4.13 11.50 7.57
N VAL C 169 3.68 10.26 7.52
CA VAL C 169 4.56 9.10 7.54
C VAL C 169 5.49 9.05 6.33
N ILE C 170 4.95 9.29 5.15
CA ILE C 170 5.78 9.19 3.94
C ILE C 170 6.82 10.32 3.95
N ASN C 171 6.40 11.51 4.38
CA ASN C 171 7.27 12.67 4.30
C ASN C 171 8.32 12.74 5.43
N ALA C 172 8.02 12.09 6.55
CA ALA C 172 8.94 11.95 7.68
C ALA C 172 9.88 10.77 7.54
N ARG C 173 9.64 9.97 6.50
CA ARG C 173 10.41 8.73 6.22
C ARG C 173 10.34 7.71 7.35
N LEU C 174 9.12 7.50 7.84
CA LEU C 174 8.84 6.51 8.87
C LEU C 174 8.25 5.26 8.24
N THR C 175 8.46 4.11 8.87
CA THR C 175 7.68 2.93 8.59
C THR C 175 6.65 2.88 9.72
N THR C 176 5.36 2.97 9.39
CA THR C 176 4.30 2.79 10.41
C THR C 176 3.11 1.87 10.02
N HIS C 177 2.70 1.06 10.99
CA HIS C 177 1.53 0.19 10.83
C HIS C 177 0.50 0.69 11.81
N ILE C 178 -0.66 1.04 11.29
CA ILE C 178 -1.80 1.45 12.12
C ILE C 178 -2.87 0.37 12.02
N ASP C 179 -3.35 -0.10 13.16
CA ASP C 179 -4.31 -1.21 13.21
C ASP C 179 -5.45 -0.87 14.18
N LEU C 180 -6.67 -0.84 13.67
CA LEU C 180 -7.84 -0.80 14.54
C LEU C 180 -8.13 -2.24 14.91
N ILE C 181 -7.88 -2.59 16.16
CA ILE C 181 -8.10 -3.98 16.57
C ILE C 181 -9.59 -4.25 16.74
N ARG C 182 -10.30 -3.32 17.36
CA ARG C 182 -11.75 -3.35 17.36
C ARG C 182 -12.23 -1.91 17.40
N GLY C 183 -13.44 -1.65 16.93
CA GLY C 183 -13.96 -0.29 16.95
C GLY C 183 -15.43 -0.26 17.28
N GLY C 184 -16.13 0.76 16.81
CA GLY C 184 -17.57 0.89 17.07
C GLY C 184 -18.03 2.32 16.89
N ASN C 185 -17.39 3.23 17.62
CA ASN C 185 -17.73 4.66 17.55
C ASN C 185 -16.59 5.38 16.83
N THR C 186 -16.94 6.13 15.80
CA THR C 186 -15.96 6.67 14.85
C THR C 186 -15.02 7.70 15.49
N HIS C 187 -15.56 8.54 16.37
CA HIS C 187 -14.72 9.52 17.08
C HIS C 187 -13.68 8.79 17.91
N HIS C 188 -14.13 7.74 18.60
CA HIS C 188 -13.21 6.91 19.39
C HIS C 188 -12.14 6.26 18.56
N GLU C 189 -12.53 5.71 17.42
CA GLU C 189 -11.59 5.06 16.48
C GLU C 189 -10.45 6.01 16.07
N ILE C 190 -10.81 7.20 15.63
CA ILE C 190 -9.84 8.19 15.14
C ILE C 190 -8.96 8.74 16.29
N GLU C 191 -9.62 9.06 17.40
CA GLU C 191 -8.94 9.50 18.61
C GLU C 191 -7.94 8.47 19.10
N ALA C 192 -8.35 7.20 19.21
CA ALA C 192 -7.42 6.13 19.62
C ALA C 192 -6.22 6.02 18.67
N ILE C 193 -6.48 6.11 17.37
CA ILE C 193 -5.42 6.07 16.37
C ILE C 193 -4.42 7.23 16.55
N PHE C 194 -4.95 8.43 16.73
CA PHE C 194 -4.11 9.62 16.91
C PHE C 194 -3.28 9.55 18.17
N LYS C 195 -3.89 9.12 19.28
CA LYS C 195 -3.17 8.93 20.54
C LYS C 195 -2.09 7.89 20.45
N ALA C 196 -2.42 6.75 19.87
CA ALA C 196 -1.44 5.68 19.68
C ALA C 196 -0.28 6.08 18.79
N PHE C 197 -0.58 6.69 17.63
CA PHE C 197 0.51 7.12 16.76
C PHE C 197 1.43 8.11 17.49
N SER C 198 0.82 9.08 18.18
CA SER C 198 1.58 10.18 18.79
C SER C 198 2.50 9.65 19.88
N ARG C 199 1.96 8.74 20.68
CA ARG C 199 2.69 8.15 21.78
C ARG C 199 3.82 7.29 21.23
N ALA C 200 3.53 6.48 20.23
CA ALA C 200 4.54 5.64 19.57
C ALA C 200 5.66 6.47 18.91
N LEU C 201 5.29 7.58 18.30
CA LEU C 201 6.31 8.48 17.72
C LEU C 201 7.20 9.06 18.83
N GLY C 202 6.55 9.53 19.90
CA GLY C 202 7.23 10.07 21.09
C GLY C 202 8.23 9.13 21.71
N ILE C 203 7.82 7.87 21.89
CA ILE C 203 8.72 6.80 22.31
C ILE C 203 9.91 6.62 21.37
N ALA C 204 9.64 6.52 20.07
CA ALA C 204 10.69 6.31 19.07
C ALA C 204 11.72 7.44 19.00
N LEU C 205 11.27 8.67 19.26
CA LEU C 205 12.12 9.86 19.15
C LEU C 205 13.00 10.11 20.38
N THR C 206 12.73 9.37 21.46
CA THR C 206 13.45 9.52 22.74
C THR C 206 14.95 9.32 22.57
N ALA C 207 15.72 10.33 22.99
CA ALA C 207 17.17 10.33 22.83
C ALA C 207 17.78 9.16 23.58
N THR C 208 18.79 8.53 22.98
CA THR C 208 19.58 7.52 23.67
C THR C 208 20.90 8.16 24.12
N ILE D 31 -14.53 32.54 -29.22
CA ILE D 31 -15.26 32.42 -27.96
C ILE D 31 -16.69 31.97 -28.24
N TYR D 32 -17.16 31.03 -27.42
CA TYR D 32 -18.52 30.52 -27.52
C TYR D 32 -19.13 30.81 -26.17
N GLN D 33 -20.36 31.33 -26.17
CA GLN D 33 -21.00 31.73 -24.93
C GLN D 33 -22.50 31.66 -25.03
N LYS D 34 -23.15 31.52 -23.88
CA LYS D 34 -24.59 31.65 -23.79
C LYS D 34 -25.02 31.84 -22.35
N GLN D 35 -26.29 32.17 -22.18
CA GLN D 35 -26.92 32.24 -20.88
C GLN D 35 -28.03 31.20 -20.80
N ARG D 36 -28.25 30.68 -19.59
CA ARG D 36 -29.34 29.75 -19.32
C ARG D 36 -30.06 30.26 -18.09
N ASN D 37 -31.17 30.97 -18.32
CA ASN D 37 -31.94 31.56 -17.24
C ASN D 37 -33.34 30.96 -17.15
N GLN D 42 -29.68 32.67 -12.60
CA GLN D 42 -28.94 33.25 -13.71
C GLN D 42 -27.64 32.48 -13.99
N LEU D 43 -27.45 32.08 -15.24
CA LEU D 43 -26.25 31.36 -15.64
C LEU D 43 -25.69 31.95 -16.94
N ASN D 44 -24.40 32.27 -16.93
CA ASN D 44 -23.73 32.79 -18.10
C ASN D 44 -22.34 32.17 -18.17
N ILE D 45 -22.03 31.57 -19.31
CA ILE D 45 -20.80 30.80 -19.47
C ILE D 45 -20.19 31.04 -20.83
N SER D 46 -18.87 31.14 -20.87
CA SER D 46 -18.16 31.20 -22.12
C SER D 46 -17.04 30.20 -22.07
N ILE D 47 -16.67 29.69 -23.24
CA ILE D 47 -15.57 28.77 -23.38
C ILE D 47 -14.75 29.18 -24.60
N SER D 48 -13.45 28.97 -24.52
CA SER D 48 -12.55 29.33 -25.61
C SER D 48 -11.28 28.49 -25.61
N ASP D 49 -10.77 28.20 -26.80
CA ASP D 49 -9.55 27.45 -26.97
C ASP D 49 -8.33 28.38 -27.11
N ASP D 50 -8.21 29.35 -26.21
CA ASP D 50 -7.02 30.16 -26.15
C ASP D 50 -6.38 29.92 -24.79
N GLN D 51 -5.42 30.75 -24.43
CA GLN D 51 -4.88 30.67 -23.08
C GLN D 51 -5.29 31.86 -22.22
N SER D 52 -6.48 32.38 -22.47
CA SER D 52 -7.03 33.47 -21.65
C SER D 52 -7.43 32.92 -20.27
N PRO D 53 -7.41 33.79 -19.23
CA PRO D 53 -7.72 33.38 -17.86
C PRO D 53 -9.16 32.92 -17.65
N SER D 54 -9.36 32.07 -16.65
CA SER D 54 -10.68 31.52 -16.34
C SER D 54 -11.24 32.11 -15.07
N HIS D 55 -12.53 32.44 -15.07
CA HIS D 55 -13.21 32.85 -13.86
C HIS D 55 -14.39 31.94 -13.62
N ILE D 56 -14.33 31.15 -12.54
CA ILE D 56 -15.37 30.17 -12.27
C ILE D 56 -16.07 30.44 -10.94
N ASN D 57 -17.33 30.84 -11.07
CA ASN D 57 -18.16 31.17 -9.94
C ASN D 57 -19.50 30.47 -10.08
N THR D 58 -19.54 29.19 -9.70
CA THR D 58 -20.73 28.36 -9.85
C THR D 58 -21.61 28.45 -8.61
N GLY D 59 -21.02 28.87 -7.51
CA GLY D 59 -21.71 28.86 -6.22
C GLY D 59 -21.60 27.53 -5.52
N VAL D 60 -20.85 26.61 -6.12
CA VAL D 60 -20.62 25.29 -5.54
C VAL D 60 -19.12 25.13 -5.46
N GLY D 61 -18.60 25.19 -4.24
CA GLY D 61 -17.15 25.20 -4.02
C GLY D 61 -16.43 24.02 -4.66
N PHE D 62 -16.94 22.82 -4.44
CA PHE D 62 -16.24 21.65 -4.93
C PHE D 62 -16.21 21.66 -6.46
N LEU D 63 -17.31 22.07 -7.06
CA LEU D 63 -17.44 22.18 -8.51
C LEU D 63 -16.46 23.25 -9.06
N ASN D 64 -16.32 24.35 -8.33
CA ASN D 64 -15.31 25.37 -8.68
C ASN D 64 -13.94 24.75 -8.86
N HIS D 65 -13.52 23.94 -7.89
N HIS D 65 -13.52 23.96 -7.87
CA HIS D 65 -12.21 23.29 -7.94
CA HIS D 65 -12.24 23.25 -7.89
C HIS D 65 -12.09 22.27 -9.09
C HIS D 65 -12.11 22.29 -9.09
N LEU D 67 -13.89 22.27 -11.98
CA LEU D 67 -13.89 23.01 -13.24
C LEU D 67 -12.58 23.73 -13.51
N THR D 68 -11.89 24.13 -12.44
CA THR D 68 -10.57 24.73 -12.55
C THR D 68 -9.59 23.67 -13.07
N LEU D 69 -9.71 22.45 -12.55
CA LEU D 69 -8.94 21.33 -13.12
C LEU D 69 -9.25 21.13 -14.60
N PHE D 70 -10.55 21.16 -14.93
CA PHE D 70 -10.96 20.99 -16.32
C PHE D 70 -10.29 22.03 -17.25
N THR D 71 -10.28 23.30 -16.84
CA THR D 71 -9.69 24.34 -17.68
C THR D 71 -8.20 24.09 -17.90
N PHE D 72 -7.49 23.76 -16.82
CA PHE D 72 -6.05 23.52 -16.90
C PHE D 72 -5.70 22.32 -17.79
N HIS D 73 -6.40 21.22 -17.59
CA HIS D 73 -6.03 19.98 -18.27
C HIS D 73 -6.58 19.86 -19.69
N SER D 74 -7.68 20.55 -19.98
CA SER D 74 -8.27 20.53 -21.32
C SER D 74 -7.63 21.57 -22.26
N GLY D 75 -6.99 22.58 -21.68
CA GLY D 75 -6.43 23.70 -22.46
C GLY D 75 -7.47 24.75 -22.80
N LEU D 76 -8.72 24.51 -22.40
CA LEU D 76 -9.80 25.45 -22.67
C LEU D 76 -9.97 26.42 -21.50
N SER D 77 -10.34 27.65 -21.81
CA SER D 77 -10.64 28.66 -20.79
C SER D 77 -12.14 28.74 -20.55
N LEU D 78 -12.53 28.71 -19.29
CA LEU D 78 -13.93 28.75 -18.90
C LEU D 78 -14.23 29.94 -18.03
N ASN D 79 -15.32 30.62 -18.32
CA ASN D 79 -15.81 31.66 -17.45
C ASN D 79 -17.27 31.42 -17.16
N ILE D 80 -17.59 31.30 -15.88
CA ILE D 80 -18.93 30.95 -15.45
C ILE D 80 -19.39 31.92 -14.39
N GLU D 81 -20.58 32.48 -14.61
CA GLU D 81 -21.24 33.30 -13.61
C GLU D 81 -22.60 32.73 -13.33
N ALA D 82 -22.76 32.17 -12.14
CA ALA D 82 -24.05 31.71 -11.66
C ALA D 82 -24.54 32.66 -10.58
N GLN D 83 -25.84 32.91 -10.56
CA GLN D 83 -26.45 33.84 -9.63
C GLN D 83 -27.85 33.35 -9.24
N GLY D 84 -28.19 33.49 -7.95
CA GLY D 84 -29.54 33.18 -7.48
C GLY D 84 -29.62 32.62 -6.07
N ASP D 89 -30.78 21.50 -5.75
CA ASP D 89 -30.26 22.87 -5.74
C ASP D 89 -28.82 22.90 -6.23
N ASP D 90 -27.92 22.16 -5.57
CA ASP D 90 -26.61 21.82 -6.15
C ASP D 90 -26.83 20.99 -7.41
N HIS D 91 -27.90 20.20 -7.43
CA HIS D 91 -28.25 19.32 -8.54
C HIS D 91 -28.56 20.12 -9.80
N HIS D 92 -29.48 21.08 -9.65
CA HIS D 92 -29.90 21.90 -10.78
C HIS D 92 -28.73 22.68 -11.31
N VAL D 93 -27.96 23.29 -10.43
CA VAL D 93 -26.80 24.11 -10.82
C VAL D 93 -25.71 23.28 -11.51
N THR D 94 -25.35 22.15 -10.92
CA THR D 94 -24.34 21.27 -11.52
C THR D 94 -24.80 20.80 -12.91
N GLU D 95 -26.02 20.29 -12.98
CA GLU D 95 -26.56 19.83 -14.25
C GLU D 95 -26.65 20.95 -15.32
N ASP D 96 -27.15 22.13 -14.94
CA ASP D 96 -27.27 23.25 -15.90
C ASP D 96 -25.94 23.67 -16.49
N ILE D 97 -24.92 23.76 -15.62
CA ILE D 97 -23.55 24.06 -16.06
C ILE D 97 -23.06 23.00 -17.03
N GLY D 98 -23.25 21.72 -16.69
CA GLY D 98 -22.83 20.65 -17.61
C GLY D 98 -23.51 20.68 -18.97
N ILE D 99 -24.81 20.96 -18.99
CA ILE D 99 -25.57 21.03 -20.25
C ILE D 99 -25.02 22.17 -21.13
N VAL D 100 -24.91 23.36 -20.53
CA VAL D 100 -24.39 24.53 -21.25
C VAL D 100 -22.97 24.31 -21.75
N ILE D 101 -22.08 23.82 -20.89
CA ILE D 101 -20.73 23.43 -21.34
C ILE D 101 -20.83 22.43 -22.50
N GLY D 102 -21.69 21.43 -22.38
CA GLY D 102 -21.85 20.46 -23.47
C GLY D 102 -22.23 21.15 -24.79
N GLN D 103 -23.24 22.00 -24.74
CA GLN D 103 -23.74 22.69 -25.94
C GLN D 103 -22.66 23.61 -26.52
N LEU D 104 -21.90 24.28 -25.65
CA LEU D 104 -20.84 25.16 -26.15
C LEU D 104 -19.69 24.36 -26.78
N LEU D 105 -19.33 23.22 -26.17
CA LEU D 105 -18.36 22.31 -26.77
C LEU D 105 -18.80 21.89 -28.16
N LEU D 106 -20.10 21.65 -28.31
CA LEU D 106 -20.63 21.24 -29.61
C LEU D 106 -20.45 22.35 -30.67
N GLU D 107 -20.74 23.59 -30.29
CA GLU D 107 -20.48 24.72 -31.20
C GLU D 107 -19.02 24.73 -31.66
N ILE D 109 -16.80 22.27 -31.63
CA ILE D 109 -16.55 21.09 -32.46
C ILE D 109 -17.02 21.30 -33.90
N LYS D 110 -18.22 21.85 -34.07
CA LYS D 110 -18.79 22.09 -35.39
C LYS D 110 -17.95 23.07 -36.24
N ASP D 111 -17.28 24.01 -35.59
CA ASP D 111 -16.37 24.94 -36.25
C ASP D 111 -15.05 24.33 -36.65
N LYS D 112 -14.61 23.29 -35.94
CA LYS D 112 -13.35 22.65 -36.26
C LYS D 112 -13.49 21.73 -37.46
N LYS D 113 -12.42 21.62 -38.23
CA LYS D 113 -12.48 20.76 -39.40
C LYS D 113 -11.79 19.44 -39.09
N HIS D 114 -10.46 19.47 -39.06
CA HIS D 114 -9.66 18.30 -38.83
C HIS D 114 -9.14 18.30 -37.40
N PHE D 115 -9.61 17.32 -36.61
CA PHE D 115 -9.10 17.13 -35.26
C PHE D 115 -8.77 15.66 -34.99
N VAL D 116 -8.02 15.43 -33.93
CA VAL D 116 -7.57 14.08 -33.56
C VAL D 116 -8.77 13.13 -33.31
N ARG D 117 -9.83 13.65 -32.68
CA ARG D 117 -11.11 12.92 -32.52
C ARG D 117 -11.10 11.90 -31.37
N TYR D 118 -10.03 11.12 -31.27
CA TYR D 118 -9.89 10.09 -30.23
C TYR D 118 -8.87 10.51 -29.17
N GLY D 119 -9.27 10.38 -27.90
CA GLY D 119 -8.37 10.64 -26.78
C GLY D 119 -8.58 9.65 -25.65
N THR D 120 -7.46 9.16 -25.10
CA THR D 120 -7.45 8.31 -23.89
C THR D 120 -6.44 8.83 -22.90
N TYR D 122 -5.10 7.85 -18.81
CA TYR D 122 -5.05 7.30 -17.47
C TYR D 122 -4.46 8.34 -16.52
N ILE D 123 -5.09 8.54 -15.36
CA ILE D 123 -4.56 9.43 -14.31
C ILE D 123 -4.56 8.68 -12.97
N PRO D 124 -3.38 8.59 -12.31
CA PRO D 124 -3.33 8.08 -10.96
C PRO D 124 -3.41 9.20 -9.91
N ASP D 126 -2.77 8.96 -5.97
CA ASP D 126 -2.41 8.03 -4.90
C ASP D 126 -3.01 6.64 -5.19
N GLU D 127 -3.91 6.15 -4.34
CA GLU D 127 -4.49 4.81 -4.47
C GLU D 127 -5.34 4.64 -5.73
N THR D 128 -5.85 5.77 -6.26
CA THR D 128 -6.82 5.78 -7.35
C THR D 128 -6.15 5.73 -8.73
N LEU D 129 -6.78 4.99 -9.65
CA LEU D 129 -6.40 5.03 -11.07
C LEU D 129 -7.67 5.17 -11.89
N ALA D 130 -7.73 6.18 -12.74
CA ALA D 130 -8.90 6.32 -13.59
C ALA D 130 -8.49 6.33 -15.05
N ARG D 131 -9.35 5.76 -15.88
CA ARG D 131 -9.18 5.86 -17.33
C ARG D 131 -10.41 6.50 -17.94
N VAL D 132 -10.18 7.47 -18.83
CA VAL D 132 -11.26 8.03 -19.60
C VAL D 132 -10.91 7.98 -21.08
N VAL D 133 -11.89 7.56 -21.88
CA VAL D 133 -11.77 7.42 -23.32
C VAL D 133 -12.84 8.33 -23.93
N VAL D 134 -12.42 9.28 -24.75
CA VAL D 134 -13.39 10.11 -25.45
C VAL D 134 -13.23 10.01 -26.95
N ASP D 135 -14.39 9.95 -27.61
CA ASP D 135 -14.47 9.99 -29.05
C ASP D 135 -15.45 11.10 -29.43
N ILE D 136 -14.96 12.12 -30.14
CA ILE D 136 -15.85 13.17 -30.67
C ILE D 136 -16.51 12.55 -31.92
N SER D 137 -17.57 11.75 -31.68
CA SER D 137 -18.16 10.90 -32.70
C SER D 137 -19.41 11.50 -33.33
N GLY D 138 -20.08 12.40 -32.62
CA GLY D 138 -21.43 12.82 -32.99
C GLY D 138 -22.51 11.84 -32.51
N ARG D 139 -22.10 10.79 -31.81
CA ARG D 139 -23.03 9.83 -31.20
C ARG D 139 -23.01 9.99 -29.68
N PRO D 140 -24.03 10.68 -29.12
CA PRO D 140 -24.04 11.03 -27.67
C PRO D 140 -24.19 9.75 -26.84
N TYR D 141 -23.14 9.37 -26.12
CA TYR D 141 -23.17 8.15 -25.31
C TYR D 141 -22.17 8.24 -24.15
N LEU D 142 -22.65 7.98 -22.94
CA LEU D 142 -21.79 7.88 -21.76
C LEU D 142 -21.87 6.49 -21.11
N SER D 143 -20.72 5.84 -20.96
CA SER D 143 -20.61 4.66 -20.11
C SER D 143 -19.83 5.08 -18.85
N PHE D 144 -20.54 5.21 -17.73
CA PHE D 144 -19.96 5.69 -16.49
C PHE D 144 -19.82 4.53 -15.51
N ASN D 145 -18.58 4.11 -15.25
CA ASN D 145 -18.29 2.93 -14.46
C ASN D 145 -17.35 3.31 -13.32
N ALA D 146 -17.93 3.83 -12.26
CA ALA D 146 -17.13 4.30 -11.13
C ALA D 146 -18.03 4.30 -9.92
N SER D 147 -17.82 3.38 -8.99
CA SER D 147 -18.54 3.42 -7.72
C SER D 147 -17.72 4.21 -6.75
N LEU D 148 -18.23 5.38 -6.40
CA LEU D 148 -17.47 6.35 -5.60
C LEU D 148 -17.58 5.91 -4.15
N SER D 149 -16.53 6.13 -3.38
CA SER D 149 -16.43 5.57 -2.05
C SER D 149 -17.30 6.18 -0.97
N LYS D 150 -17.73 7.43 -1.12
CA LYS D 150 -18.47 8.12 -0.07
C LYS D 150 -19.63 8.87 -0.71
N GLU D 151 -20.69 9.10 0.07
CA GLU D 151 -21.87 9.82 -0.40
C GLU D 151 -21.66 11.33 -0.57
N LYS D 152 -20.69 11.88 0.17
CA LYS D 152 -20.34 13.28 0.05
C LYS D 152 -18.82 13.49 0.12
N VAL D 153 -18.35 14.57 -0.50
CA VAL D 153 -17.04 15.12 -0.19
C VAL D 153 -17.34 16.53 0.28
N GLY D 154 -17.04 16.81 1.55
CA GLY D 154 -17.52 18.05 2.18
C GLY D 154 -19.04 18.08 2.14
N THR D 155 -19.60 19.11 1.53
CA THR D 155 -21.05 19.21 1.44
C THR D 155 -21.56 18.75 0.08
N PHE D 156 -20.64 18.37 -0.82
CA PHE D 156 -20.98 18.05 -2.21
C PHE D 156 -21.47 16.61 -2.33
N ASP D 157 -22.69 16.39 -2.84
CA ASP D 157 -23.23 15.04 -3.10
C ASP D 157 -22.48 14.40 -4.27
N THR D 158 -21.82 13.25 -4.01
CA THR D 158 -20.97 12.64 -5.03
C THR D 158 -21.76 12.08 -6.22
N GLU D 159 -23.07 11.85 -6.04
CA GLU D 159 -23.91 11.37 -7.12
C GLU D 159 -24.00 12.41 -8.24
N LEU D 160 -23.66 13.66 -7.91
CA LEU D 160 -23.68 14.75 -8.92
C LEU D 160 -22.59 14.63 -9.97
N VAL D 161 -21.54 13.85 -9.68
CA VAL D 161 -20.41 13.70 -10.62
C VAL D 161 -20.90 13.03 -11.93
N GLU D 162 -21.62 11.91 -11.79
CA GLU D 162 -22.21 11.26 -12.98
C GLU D 162 -23.21 12.16 -13.68
N GLU D 163 -23.99 12.91 -12.89
CA GLU D 163 -24.94 13.84 -13.49
C GLU D 163 -24.23 14.92 -14.31
N PHE D 164 -23.10 15.43 -13.82
CA PHE D 164 -22.34 16.44 -14.58
C PHE D 164 -21.82 15.88 -15.89
N PHE D 165 -21.19 14.72 -15.82
CA PHE D 165 -20.63 14.10 -17.00
C PHE D 165 -21.68 13.71 -18.03
N ARG D 166 -22.83 13.18 -17.60
N ARG D 166 -22.82 13.19 -17.57
CA ARG D 166 -23.84 12.88 -18.60
CA ARG D 166 -23.94 12.86 -18.46
C ARG D 166 -24.28 14.15 -19.32
C ARG D 166 -24.42 14.09 -19.24
N ALA D 167 -24.51 15.22 -18.56
CA ALA D 167 -24.95 16.50 -19.14
C ALA D 167 -23.97 17.01 -20.20
N VAL D 168 -22.69 17.02 -19.88
CA VAL D 168 -21.66 17.45 -20.81
C VAL D 168 -21.53 16.54 -22.04
N VAL D 169 -21.33 15.25 -21.78
CA VAL D 169 -21.07 14.28 -22.84
C VAL D 169 -22.25 14.19 -23.83
N ILE D 170 -23.46 14.08 -23.31
CA ILE D 170 -24.64 13.93 -24.18
C ILE D 170 -24.87 15.20 -25.01
N ASN D 171 -24.76 16.36 -24.37
CA ASN D 171 -25.02 17.61 -25.09
C ASN D 171 -23.91 18.02 -26.06
N ALA D 172 -22.67 17.63 -25.76
CA ALA D 172 -21.58 17.82 -26.71
C ALA D 172 -21.52 16.73 -27.80
N ARG D 173 -22.41 15.74 -27.70
CA ARG D 173 -22.43 14.59 -28.66
C ARG D 173 -21.09 13.84 -28.74
N LEU D 174 -20.53 13.53 -27.57
CA LEU D 174 -19.36 12.69 -27.49
C LEU D 174 -19.75 11.28 -27.11
N THR D 175 -18.92 10.33 -27.46
CA THR D 175 -18.97 9.00 -26.89
C THR D 175 -17.83 8.96 -25.87
N THR D 176 -18.15 8.75 -24.60
CA THR D 176 -17.09 8.63 -23.59
C THR D 176 -17.31 7.50 -22.60
N HIS D 177 -16.22 6.82 -22.27
CA HIS D 177 -16.25 5.75 -21.27
C HIS D 177 -15.39 6.26 -20.13
N ILE D 178 -15.97 6.27 -18.94
CA ILE D 178 -15.25 6.61 -17.71
C ILE D 178 -15.14 5.37 -16.84
N ASP D 179 -13.90 5.01 -16.48
CA ASP D 179 -13.62 3.83 -15.68
C ASP D 179 -12.72 4.17 -14.48
N LEU D 180 -13.21 3.86 -13.29
CA LEU D 180 -12.41 3.89 -12.10
C LEU D 180 -11.78 2.52 -12.00
N ILE D 181 -10.50 2.41 -12.33
CA ILE D 181 -9.85 1.09 -12.30
C ILE D 181 -9.63 0.59 -10.88
N ARG D 182 -9.26 1.51 -9.99
CA ARG D 182 -9.19 1.23 -8.55
C ARG D 182 -9.41 2.54 -7.83
N GLY D 183 -9.88 2.49 -6.59
CA GLY D 183 -10.22 3.73 -5.87
C GLY D 183 -9.83 3.63 -4.42
N GLY D 184 -10.48 4.43 -3.58
CA GLY D 184 -10.30 4.35 -2.13
C GLY D 184 -10.69 5.67 -1.49
N ASN D 185 -10.11 6.76 -1.98
CA ASN D 185 -10.43 8.11 -1.45
C ASN D 185 -11.32 8.81 -2.46
N THR D 186 -12.49 9.28 -2.02
CA THR D 186 -13.49 9.81 -2.94
C THR D 186 -13.04 11.09 -3.64
N HIS D 187 -12.33 11.94 -2.91
CA HIS D 187 -11.83 13.18 -3.52
C HIS D 187 -10.86 12.80 -4.62
N HIS D 188 -9.99 11.83 -4.36
CA HIS D 188 -9.05 11.32 -5.35
C HIS D 188 -9.75 10.70 -6.57
N GLU D 189 -10.77 9.87 -6.30
CA GLU D 189 -11.55 9.23 -7.37
C GLU D 189 -12.13 10.30 -8.32
N ILE D 190 -12.75 11.32 -7.76
CA ILE D 190 -13.38 12.37 -8.56
C ILE D 190 -12.36 13.23 -9.32
N GLU D 191 -11.28 13.61 -8.63
CA GLU D 191 -10.22 14.40 -9.26
C GLU D 191 -9.55 13.62 -10.38
N ALA D 192 -9.27 12.34 -10.17
CA ALA D 192 -8.70 11.53 -11.24
C ALA D 192 -9.60 11.54 -12.47
N ILE D 193 -10.91 11.42 -12.24
CA ILE D 193 -11.87 11.35 -13.35
C ILE D 193 -11.93 12.68 -14.11
N PHE D 194 -12.06 13.78 -13.36
CA PHE D 194 -12.03 15.10 -13.98
C PHE D 194 -10.76 15.35 -14.78
N LYS D 195 -9.60 15.00 -14.23
N LYS D 195 -9.61 14.97 -14.23
CA LYS D 195 -8.32 15.18 -14.92
CA LYS D 195 -8.32 15.17 -14.89
C LYS D 195 -8.24 14.32 -16.18
C LYS D 195 -8.18 14.31 -16.15
N ALA D 196 -8.58 13.03 -16.03
CA ALA D 196 -8.52 12.10 -17.16
C ALA D 196 -9.45 12.52 -18.30
N PHE D 197 -10.68 12.90 -17.95
CA PHE D 197 -11.62 13.37 -18.98
C PHE D 197 -11.13 14.65 -19.66
N SER D 198 -10.68 15.61 -18.86
CA SER D 198 -10.20 16.88 -19.38
C SER D 198 -9.07 16.70 -20.37
N ARG D 199 -8.10 15.85 -20.03
CA ARG D 199 -6.95 15.62 -20.88
C ARG D 199 -7.31 14.83 -22.14
N ALA D 200 -8.18 13.83 -21.99
CA ALA D 200 -8.62 13.02 -23.13
C ALA D 200 -9.41 13.89 -24.12
N LEU D 201 -10.23 14.80 -23.61
CA LEU D 201 -10.95 15.75 -24.48
C LEU D 201 -10.01 16.73 -25.22
N GLY D 202 -9.01 17.26 -24.51
CA GLY D 202 -8.03 18.18 -25.10
C GLY D 202 -7.20 17.49 -26.15
N ILE D 203 -6.84 16.23 -25.90
CA ILE D 203 -6.19 15.41 -26.92
C ILE D 203 -7.09 15.27 -28.15
N ALA D 204 -8.37 14.94 -27.93
CA ALA D 204 -9.29 14.71 -29.04
C ALA D 204 -9.58 15.98 -29.83
N LEU D 205 -9.55 17.13 -29.15
CA LEU D 205 -9.86 18.42 -29.80
C LEU D 205 -8.67 18.99 -30.58
N THR D 206 -7.50 18.40 -30.44
CA THR D 206 -6.29 18.92 -31.06
C THR D 206 -6.41 18.97 -32.59
N ALA D 207 -6.05 20.14 -33.15
CA ALA D 207 -6.10 20.37 -34.60
C ALA D 207 -5.26 19.39 -35.38
N THR D 208 -5.79 19.03 -36.55
CA THR D 208 -5.07 18.18 -37.48
C THR D 208 -5.03 18.89 -38.84
N ALA E 29 4.82 6.20 -54.25
CA ALA E 29 4.11 5.00 -53.73
C ALA E 29 4.85 3.70 -54.01
N ILE E 31 4.41 -0.34 -53.63
CA ILE E 31 3.28 -1.27 -53.54
C ILE E 31 3.72 -2.73 -53.44
N TYR E 32 3.20 -3.39 -52.41
CA TYR E 32 3.48 -4.80 -52.15
C TYR E 32 2.31 -5.61 -52.62
N GLN E 33 2.59 -6.65 -53.39
CA GLN E 33 1.50 -7.35 -53.98
C GLN E 33 1.72 -8.86 -54.05
N LYS E 34 0.61 -9.59 -53.99
CA LYS E 34 0.66 -11.03 -54.02
C LYS E 34 -0.61 -11.54 -54.65
N GLN E 35 -0.46 -12.59 -55.44
CA GLN E 35 -1.56 -13.34 -55.98
C GLN E 35 -1.50 -14.75 -55.44
N ARG E 36 -2.64 -15.26 -54.96
CA ARG E 36 -2.70 -16.54 -54.28
C ARG E 36 -3.91 -17.32 -54.78
N ASN E 37 -3.63 -18.41 -55.50
CA ASN E 37 -4.66 -19.26 -56.09
C ASN E 37 -4.40 -20.73 -55.76
N GLN E 42 -8.68 -17.74 -55.06
CA GLN E 42 -8.14 -16.93 -56.17
C GLN E 42 -8.19 -15.45 -55.82
N LEU E 43 -7.04 -14.93 -55.39
CA LEU E 43 -6.95 -13.62 -54.76
C LEU E 43 -5.83 -12.78 -55.31
N ASN E 44 -6.13 -11.53 -55.61
CA ASN E 44 -5.10 -10.57 -55.96
C ASN E 44 -5.14 -9.48 -54.93
N ILE E 45 -4.05 -9.30 -54.19
CA ILE E 45 -4.04 -8.33 -53.12
C ILE E 45 -2.78 -7.50 -53.16
N SER E 46 -2.96 -6.20 -52.96
CA SER E 46 -1.83 -5.30 -52.80
C SER E 46 -2.04 -4.34 -51.63
N ILE E 47 -0.93 -3.95 -51.02
CA ILE E 47 -0.93 -3.03 -49.89
C ILE E 47 0.16 -1.96 -50.10
N SER E 48 -0.14 -0.73 -49.70
CA SER E 48 0.81 0.37 -49.81
C SER E 48 0.67 1.33 -48.62
N ASP E 49 1.80 1.82 -48.14
CA ASP E 49 1.80 2.79 -47.05
C ASP E 49 1.66 4.23 -47.59
N ASP E 50 0.62 4.46 -48.37
CA ASP E 50 0.37 5.77 -48.96
C ASP E 50 -1.12 6.04 -48.92
N GLN E 51 -1.54 7.13 -49.57
CA GLN E 51 -2.95 7.46 -49.64
C GLN E 51 -3.63 7.23 -51.00
N SER E 52 -3.19 6.22 -51.74
CA SER E 52 -3.88 5.82 -52.97
C SER E 52 -5.23 5.17 -52.66
N PRO E 53 -6.24 5.40 -53.52
CA PRO E 53 -7.57 4.78 -53.35
C PRO E 53 -7.51 3.28 -53.07
N SER E 54 -8.48 2.80 -52.28
CA SER E 54 -8.59 1.39 -51.95
C SER E 54 -9.79 0.81 -52.67
N HIS E 55 -9.57 -0.28 -53.40
CA HIS E 55 -10.67 -1.03 -53.98
C HIS E 55 -10.74 -2.39 -53.30
N ILE E 56 -11.84 -2.65 -52.60
CA ILE E 56 -11.99 -3.89 -51.83
C ILE E 56 -13.20 -4.72 -52.28
N ASN E 57 -12.91 -5.86 -52.87
CA ASN E 57 -13.93 -6.72 -53.43
C ASN E 57 -13.60 -8.14 -53.00
N THR E 58 -14.02 -8.48 -51.78
CA THR E 58 -13.67 -9.79 -51.20
C THR E 58 -14.76 -10.80 -51.50
N GLY E 59 -15.92 -10.31 -51.93
CA GLY E 59 -17.09 -11.16 -52.08
C GLY E 59 -17.77 -11.45 -50.73
N VAL E 60 -17.23 -10.89 -49.65
CA VAL E 60 -17.86 -11.00 -48.32
C VAL E 60 -18.25 -9.61 -47.92
N GLY E 61 -19.55 -9.31 -47.95
CA GLY E 61 -20.04 -7.95 -47.69
C GLY E 61 -19.51 -7.29 -46.42
N PHE E 62 -19.64 -8.00 -45.29
CA PHE E 62 -19.25 -7.43 -44.01
C PHE E 62 -17.73 -7.26 -43.94
N LEU E 63 -16.99 -8.21 -44.50
CA LEU E 63 -15.53 -8.12 -44.56
C LEU E 63 -15.09 -6.92 -45.41
N ASN E 64 -15.81 -6.64 -46.50
CA ASN E 64 -15.57 -5.37 -47.25
C ASN E 64 -15.60 -4.15 -46.33
N HIS E 65 -16.64 -4.01 -45.53
N HIS E 65 -16.66 -3.99 -45.53
CA HIS E 65 -16.82 -2.88 -44.61
CA HIS E 65 -16.78 -2.85 -44.62
C HIS E 65 -15.67 -2.79 -43.58
C HIS E 65 -15.64 -2.78 -43.60
N LEU E 67 -12.57 -4.13 -43.74
CA LEU E 67 -11.31 -3.83 -44.41
C LEU E 67 -11.21 -2.40 -44.92
N THR E 68 -12.35 -1.80 -45.27
CA THR E 68 -12.39 -0.37 -45.59
C THR E 68 -12.01 0.41 -44.34
N LEU E 69 -12.55 0.02 -43.18
CA LEU E 69 -12.13 0.62 -41.92
C LEU E 69 -10.64 0.46 -41.65
N PHE E 70 -10.12 -0.73 -41.91
CA PHE E 70 -8.69 -1.01 -41.75
C PHE E 70 -7.87 0.00 -42.58
N THR E 71 -8.23 0.20 -43.85
CA THR E 71 -7.47 1.12 -44.71
C THR E 71 -7.51 2.53 -44.19
N PHE E 72 -8.69 2.99 -43.76
CA PHE E 72 -8.78 4.35 -43.28
C PHE E 72 -8.00 4.55 -41.99
N HIS E 73 -8.13 3.63 -41.05
CA HIS E 73 -7.50 3.80 -39.74
C HIS E 73 -6.03 3.45 -39.64
N SER E 74 -5.56 2.55 -40.50
CA SER E 74 -4.13 2.16 -40.50
C SER E 74 -3.26 3.11 -41.34
N GLY E 75 -3.89 3.81 -42.29
CA GLY E 75 -3.15 4.64 -43.25
C GLY E 75 -2.60 3.85 -44.44
N LEU E 76 -3.00 2.59 -44.55
CA LEU E 76 -2.50 1.72 -45.62
C LEU E 76 -3.57 1.52 -46.69
N SER E 77 -3.22 1.71 -47.97
CA SER E 77 -4.17 1.43 -49.07
C SER E 77 -4.19 -0.04 -49.36
N LEU E 78 -5.38 -0.57 -49.50
CA LEU E 78 -5.55 -1.98 -49.67
C LEU E 78 -6.37 -2.16 -50.92
N ASN E 79 -5.88 -3.02 -51.81
CA ASN E 79 -6.64 -3.37 -53.00
C ASN E 79 -6.82 -4.87 -53.07
N ILE E 80 -8.07 -5.31 -53.19
CA ILE E 80 -8.38 -6.74 -53.14
C ILE E 80 -9.35 -7.11 -54.23
N GLU E 81 -8.96 -8.09 -55.03
CA GLU E 81 -9.87 -8.68 -55.99
C GLU E 81 -9.90 -10.17 -55.72
N ALA E 82 -11.07 -10.64 -55.31
CA ALA E 82 -11.36 -12.05 -55.16
C ALA E 82 -12.34 -12.38 -56.28
N GLN E 83 -12.09 -13.45 -57.02
CA GLN E 83 -12.99 -13.83 -58.11
C GLN E 83 -13.42 -15.28 -57.93
N ASP E 89 -17.31 -21.34 -47.46
CA ASP E 89 -16.81 -20.36 -48.43
C ASP E 89 -16.22 -19.16 -47.71
N ASP E 90 -17.00 -18.52 -46.83
CA ASP E 90 -16.54 -17.30 -46.14
C ASP E 90 -15.29 -17.53 -45.30
N HIS E 91 -15.18 -18.71 -44.69
CA HIS E 91 -14.01 -19.05 -43.85
C HIS E 91 -12.73 -19.02 -44.68
N HIS E 92 -12.74 -19.72 -45.81
CA HIS E 92 -11.52 -19.84 -46.62
C HIS E 92 -11.10 -18.46 -47.13
N VAL E 93 -12.06 -17.70 -47.60
CA VAL E 93 -11.80 -16.37 -48.16
C VAL E 93 -11.27 -15.43 -47.09
N THR E 94 -11.94 -15.39 -45.94
CA THR E 94 -11.49 -14.52 -44.84
C THR E 94 -10.10 -14.91 -44.38
N GLU E 95 -9.87 -16.20 -44.19
CA GLU E 95 -8.57 -16.64 -43.73
C GLU E 95 -7.46 -16.39 -44.77
N ASP E 96 -7.73 -16.68 -46.05
CA ASP E 96 -6.73 -16.50 -47.10
C ASP E 96 -6.35 -15.03 -47.25
N ILE E 97 -7.35 -14.16 -47.20
CA ILE E 97 -7.11 -12.73 -47.20
C ILE E 97 -6.26 -12.32 -46.00
N GLY E 98 -6.61 -12.78 -44.80
CA GLY E 98 -5.82 -12.47 -43.59
C GLY E 98 -4.35 -12.91 -43.71
N ILE E 99 -4.15 -14.11 -44.26
CA ILE E 99 -2.78 -14.65 -44.42
C ILE E 99 -1.96 -13.76 -45.36
N VAL E 100 -2.58 -13.41 -46.49
CA VAL E 100 -1.91 -12.61 -47.53
C VAL E 100 -1.59 -11.22 -47.00
N ILE E 101 -2.58 -10.59 -46.36
CA ILE E 101 -2.32 -9.28 -45.75
C ILE E 101 -1.18 -9.38 -44.75
N GLY E 102 -1.17 -10.44 -43.94
CA GLY E 102 -0.11 -10.65 -42.94
C GLY E 102 1.26 -10.75 -43.62
N GLN E 103 1.35 -11.61 -44.64
CA GLN E 103 2.60 -11.80 -45.40
C GLN E 103 3.14 -10.51 -46.06
N LEU E 104 2.22 -9.67 -46.56
CA LEU E 104 2.61 -8.40 -47.20
C LEU E 104 3.05 -7.38 -46.16
N LEU E 105 2.41 -7.41 -44.99
CA LEU E 105 2.83 -6.56 -43.88
C LEU E 105 4.21 -6.94 -43.44
N LEU E 106 4.53 -8.23 -43.43
CA LEU E 106 5.87 -8.65 -43.07
C LEU E 106 6.93 -8.06 -44.05
N GLU E 107 6.65 -8.10 -45.35
CA GLU E 107 7.61 -7.57 -46.34
C GLU E 107 7.77 -6.07 -46.14
N ILE E 109 7.28 -4.46 -43.38
CA ILE E 109 8.00 -4.28 -42.11
C ILE E 109 9.52 -4.51 -42.26
N LYS E 110 9.88 -5.58 -42.95
CA LYS E 110 11.28 -5.87 -43.26
C LYS E 110 11.96 -4.72 -43.99
N ASP E 111 11.20 -3.95 -44.78
CA ASP E 111 11.77 -2.86 -45.60
C ASP E 111 11.92 -1.56 -44.82
N LYS E 112 11.10 -1.38 -43.79
CA LYS E 112 11.21 -0.20 -42.94
C LYS E 112 12.40 -0.34 -41.98
N LYS E 113 13.07 0.76 -41.71
CA LYS E 113 14.24 0.72 -40.82
C LYS E 113 13.85 1.08 -39.39
N HIS E 114 13.61 2.36 -39.17
CA HIS E 114 13.30 2.85 -37.86
C HIS E 114 11.80 3.17 -37.76
N PHE E 115 11.12 2.48 -36.85
CA PHE E 115 9.70 2.70 -36.63
C PHE E 115 9.32 2.66 -35.15
N VAL E 116 8.15 3.21 -34.83
CA VAL E 116 7.68 3.36 -33.45
C VAL E 116 7.58 2.01 -32.74
N ARG E 117 7.23 0.98 -33.49
CA ARG E 117 7.19 -0.44 -33.04
C ARG E 117 6.03 -0.81 -32.08
N TYR E 118 5.73 0.08 -31.13
CA TYR E 118 4.69 -0.15 -30.13
C TYR E 118 3.49 0.74 -30.40
N GLY E 119 2.29 0.13 -30.45
CA GLY E 119 1.06 0.91 -30.56
C GLY E 119 -0.07 0.33 -29.71
N THR E 120 -0.83 1.22 -29.08
CA THR E 120 -1.99 0.85 -28.26
C THR E 120 -3.11 1.81 -28.63
N TYR E 122 -7.44 2.55 -27.69
CA TYR E 122 -8.76 2.28 -27.15
C TYR E 122 -9.78 2.89 -28.09
N ILE E 123 -10.82 2.13 -28.44
CA ILE E 123 -11.92 2.66 -29.27
C ILE E 123 -13.29 2.35 -28.64
N PRO E 124 -14.12 3.39 -28.40
CA PRO E 124 -15.45 3.12 -27.93
C PRO E 124 -16.41 3.10 -29.12
N ASP E 126 -20.40 3.29 -29.02
CA ASP E 126 -21.51 3.33 -28.08
C ASP E 126 -21.18 2.51 -26.80
N GLU E 127 -21.90 1.42 -26.55
CA GLU E 127 -21.74 0.61 -25.34
C GLU E 127 -20.38 -0.12 -25.25
N THR E 128 -19.76 -0.37 -26.40
CA THR E 128 -18.55 -1.18 -26.50
C THR E 128 -17.31 -0.33 -26.27
N LEU E 129 -16.32 -0.93 -25.61
CA LEU E 129 -14.96 -0.40 -25.57
C LEU E 129 -13.98 -1.55 -25.86
N ALA E 130 -13.10 -1.35 -26.84
CA ALA E 130 -12.05 -2.33 -27.15
C ALA E 130 -10.68 -1.71 -26.97
N ARG E 131 -9.71 -2.51 -26.53
CA ARG E 131 -8.32 -2.11 -26.53
C ARG E 131 -7.52 -3.07 -27.39
N VAL E 132 -6.70 -2.56 -28.30
CA VAL E 132 -5.76 -3.42 -28.99
C VAL E 132 -4.33 -2.89 -28.76
N VAL E 133 -3.42 -3.80 -28.41
CA VAL E 133 -1.99 -3.54 -28.22
C VAL E 133 -1.21 -4.29 -29.32
N VAL E 134 -0.39 -3.55 -30.06
CA VAL E 134 0.40 -4.12 -31.17
C VAL E 134 1.87 -3.88 -30.87
N ASP E 135 2.68 -4.94 -30.92
CA ASP E 135 4.13 -4.81 -30.92
C ASP E 135 4.66 -5.45 -32.19
N ILE E 136 5.28 -4.64 -33.03
CA ILE E 136 6.04 -5.18 -34.20
C ILE E 136 7.33 -5.81 -33.69
N SER E 137 7.19 -7.02 -33.14
CA SER E 137 8.27 -7.65 -32.40
C SER E 137 9.05 -8.70 -33.19
N GLY E 138 8.45 -9.24 -34.24
CA GLY E 138 9.02 -10.42 -34.89
C GLY E 138 8.68 -11.74 -34.22
N ARG E 139 7.95 -11.69 -33.09
CA ARG E 139 7.49 -12.90 -32.38
C ARG E 139 5.99 -13.11 -32.64
N PRO E 140 5.61 -14.03 -33.51
CA PRO E 140 4.19 -14.13 -33.87
C PRO E 140 3.34 -14.65 -32.70
N TYR E 141 2.43 -13.81 -32.24
CA TYR E 141 1.61 -14.13 -31.05
C TYR E 141 0.35 -13.28 -31.02
N LEU E 142 -0.78 -13.95 -30.87
CA LEU E 142 -2.07 -13.25 -30.69
C LEU E 142 -2.76 -13.71 -29.40
N SER E 143 -3.12 -12.75 -28.55
CA SER E 143 -3.99 -13.03 -27.40
C SER E 143 -5.32 -12.37 -27.73
N PHE E 144 -6.31 -13.20 -28.03
CA PHE E 144 -7.62 -12.72 -28.48
C PHE E 144 -8.67 -12.95 -27.37
N ASN E 145 -9.16 -11.85 -26.79
CA ASN E 145 -9.98 -11.88 -25.59
C ASN E 145 -11.24 -11.06 -25.83
N ALA E 146 -12.21 -11.66 -26.50
CA ALA E 146 -13.42 -10.93 -26.88
C ALA E 146 -14.51 -11.96 -27.11
N SER E 147 -15.46 -12.03 -26.19
CA SER E 147 -16.62 -12.89 -26.36
C SER E 147 -17.67 -12.11 -27.09
N LEU E 148 -17.90 -12.43 -28.36
CA LEU E 148 -18.77 -11.60 -29.17
C LEU E 148 -20.21 -11.98 -28.87
N SER E 149 -21.11 -11.02 -28.94
CA SER E 149 -22.47 -11.21 -28.43
C SER E 149 -23.38 -12.12 -29.26
N LYS E 150 -23.15 -12.21 -30.56
CA LYS E 150 -24.08 -12.97 -31.41
C LYS E 150 -23.28 -13.87 -32.35
N GLU E 151 -23.90 -14.93 -32.84
CA GLU E 151 -23.22 -15.89 -33.75
C GLU E 151 -23.01 -15.34 -35.17
N LYS E 152 -23.89 -14.44 -35.60
CA LYS E 152 -23.85 -13.81 -36.92
C LYS E 152 -24.05 -12.32 -36.81
N VAL E 153 -23.45 -11.57 -37.74
CA VAL E 153 -23.90 -10.21 -38.04
C VAL E 153 -24.28 -10.22 -39.50
N GLY E 154 -25.56 -10.04 -39.78
CA GLY E 154 -26.09 -10.34 -41.13
C GLY E 154 -25.88 -11.80 -41.46
N THR E 155 -25.19 -12.08 -42.57
CA THR E 155 -24.87 -13.48 -42.92
C THR E 155 -23.44 -13.85 -42.48
N PHE E 156 -22.74 -12.90 -41.87
CA PHE E 156 -21.32 -13.13 -41.51
C PHE E 156 -21.17 -13.86 -40.18
N ASP E 157 -20.51 -15.02 -40.21
CA ASP E 157 -20.15 -15.78 -38.99
C ASP E 157 -19.13 -14.99 -38.14
N THR E 158 -19.51 -14.63 -36.93
CA THR E 158 -18.66 -13.81 -36.08
C THR E 158 -17.40 -14.56 -35.61
N GLU E 159 -17.42 -15.90 -35.64
CA GLU E 159 -16.22 -16.66 -35.29
C GLU E 159 -15.05 -16.37 -36.25
N LEU E 160 -15.37 -15.83 -37.42
CA LEU E 160 -14.36 -15.48 -38.45
C LEU E 160 -13.48 -14.30 -38.07
N VAL E 161 -13.95 -13.47 -37.14
CA VAL E 161 -13.14 -12.32 -36.67
C VAL E 161 -11.81 -12.77 -36.03
N GLU E 162 -11.89 -13.67 -35.05
CA GLU E 162 -10.66 -14.25 -34.49
C GLU E 162 -9.80 -14.94 -35.56
N GLU E 163 -10.44 -15.63 -36.50
CA GLU E 163 -9.69 -16.32 -37.55
C GLU E 163 -8.94 -15.32 -38.44
N PHE E 164 -9.60 -14.22 -38.79
CA PHE E 164 -8.94 -13.14 -39.55
C PHE E 164 -7.72 -12.60 -38.82
N PHE E 165 -7.90 -12.19 -37.57
CA PHE E 165 -6.78 -11.60 -36.80
C PHE E 165 -5.65 -12.56 -36.55
N ARG E 166 -5.94 -13.84 -36.33
N ARG E 166 -5.94 -13.84 -36.36
CA ARG E 166 -4.85 -14.82 -36.19
CA ARG E 166 -4.87 -14.81 -36.17
C ARG E 166 -4.02 -14.85 -37.45
C ARG E 166 -4.04 -15.01 -37.43
N ALA E 167 -4.68 -15.00 -38.59
CA ALA E 167 -4.00 -15.09 -39.89
C ALA E 167 -3.09 -13.86 -40.14
N VAL E 168 -3.63 -12.67 -39.86
CA VAL E 168 -2.85 -11.42 -40.06
C VAL E 168 -1.64 -11.31 -39.12
N VAL E 169 -1.90 -11.47 -37.83
CA VAL E 169 -0.92 -11.25 -36.77
C VAL E 169 0.23 -12.25 -36.82
N ILE E 170 -0.11 -13.53 -37.03
CA ILE E 170 0.91 -14.58 -37.04
C ILE E 170 1.81 -14.45 -38.29
N ASN E 171 1.17 -14.17 -39.42
CA ASN E 171 1.91 -14.05 -40.67
C ASN E 171 2.72 -12.77 -40.81
N ALA E 172 2.25 -11.68 -40.19
CA ALA E 172 2.99 -10.43 -40.09
C ALA E 172 4.05 -10.44 -39.01
N ARG E 173 4.04 -11.49 -38.19
CA ARG E 173 4.95 -11.65 -37.04
C ARG E 173 4.84 -10.53 -36.01
N LEU E 174 3.61 -10.16 -35.70
CA LEU E 174 3.32 -9.18 -34.65
C LEU E 174 3.03 -9.91 -33.37
N THR E 175 3.25 -9.27 -32.23
CA THR E 175 2.55 -9.74 -31.04
C THR E 175 1.44 -8.77 -30.77
N THR E 176 0.21 -9.28 -30.73
CA THR E 176 -0.93 -8.40 -30.43
C THR E 176 -1.90 -8.99 -29.41
N HIS E 177 -2.42 -8.10 -28.57
CA HIS E 177 -3.42 -8.45 -27.56
C HIS E 177 -4.66 -7.68 -27.94
N ILE E 178 -5.76 -8.40 -28.15
CA ILE E 178 -7.06 -7.79 -28.44
C ILE E 178 -7.99 -7.98 -27.23
N ASP E 179 -8.54 -6.90 -26.68
CA ASP E 179 -9.36 -7.00 -25.46
C ASP E 179 -10.65 -6.24 -25.65
N LEU E 180 -11.77 -6.95 -25.51
CA LEU E 180 -13.07 -6.30 -25.49
C LEU E 180 -13.31 -6.02 -24.05
N ILE E 181 -13.20 -4.75 -23.67
CA ILE E 181 -13.36 -4.38 -22.27
C ILE E 181 -14.84 -4.47 -21.85
N ARG E 182 -15.72 -4.05 -22.75
CA ARG E 182 -17.15 -4.24 -22.55
C ARG E 182 -17.81 -4.24 -23.92
N GLY E 183 -18.98 -4.84 -24.02
CA GLY E 183 -19.61 -4.99 -25.31
C GLY E 183 -21.10 -4.91 -25.17
N GLY E 184 -21.81 -5.43 -26.17
CA GLY E 184 -23.27 -5.46 -26.10
C GLY E 184 -23.83 -5.71 -27.48
N ASN E 185 -23.44 -4.86 -28.43
CA ASN E 185 -23.86 -4.98 -29.82
C ASN E 185 -22.71 -5.56 -30.61
N THR E 186 -22.98 -6.64 -31.35
CA THR E 186 -21.94 -7.39 -32.03
C THR E 186 -21.25 -6.61 -33.15
N HIS E 187 -22.02 -5.86 -33.94
CA HIS E 187 -21.43 -5.03 -35.01
C HIS E 187 -20.45 -4.05 -34.36
N HIS E 188 -20.89 -3.43 -33.27
CA HIS E 188 -20.05 -2.47 -32.53
C HIS E 188 -18.79 -3.09 -31.98
N GLU E 189 -18.92 -4.31 -31.42
CA GLU E 189 -17.78 -5.03 -30.85
C GLU E 189 -16.71 -5.28 -31.92
N ILE E 190 -17.15 -5.73 -33.09
CA ILE E 190 -16.22 -6.08 -34.17
C ILE E 190 -15.59 -4.84 -34.80
N GLU E 191 -16.41 -3.82 -35.02
CA GLU E 191 -15.92 -2.57 -35.57
C GLU E 191 -14.95 -1.88 -34.64
N ALA E 192 -15.24 -1.86 -33.35
CA ALA E 192 -14.32 -1.32 -32.34
C ALA E 192 -12.97 -2.02 -32.38
N ILE E 193 -12.99 -3.34 -32.45
CA ILE E 193 -11.76 -4.16 -32.60
C ILE E 193 -10.98 -3.84 -33.90
N PHE E 194 -11.67 -3.83 -35.03
CA PHE E 194 -11.03 -3.47 -36.29
C PHE E 194 -10.37 -2.09 -36.26
N LYS E 195 -11.11 -1.09 -35.79
N LYS E 195 -11.11 -1.09 -35.80
CA LYS E 195 -10.60 0.29 -35.65
CA LYS E 195 -10.58 0.27 -35.69
C LYS E 195 -9.42 0.41 -34.71
C LYS E 195 -9.38 0.35 -34.75
N ALA E 196 -9.52 -0.23 -33.55
CA ALA E 196 -8.44 -0.23 -32.56
C ALA E 196 -7.19 -0.93 -33.08
N PHE E 197 -7.36 -2.09 -33.70
CA PHE E 197 -6.19 -2.78 -34.28
C PHE E 197 -5.50 -1.96 -35.37
N SER E 198 -6.30 -1.38 -36.26
CA SER E 198 -5.79 -0.64 -37.42
C SER E 198 -5.00 0.58 -36.98
N ARG E 199 -5.55 1.31 -36.00
CA ARG E 199 -4.89 2.47 -35.44
C ARG E 199 -3.61 2.09 -34.71
N ALA E 200 -3.69 1.06 -33.87
CA ALA E 200 -2.53 0.62 -33.14
C ALA E 200 -1.41 0.24 -34.11
N LEU E 201 -1.77 -0.47 -35.17
CA LEU E 201 -0.80 -0.85 -36.20
C LEU E 201 -0.23 0.40 -36.92
N GLY E 202 -1.11 1.30 -37.33
CA GLY E 202 -0.71 2.60 -37.90
C GLY E 202 0.36 3.31 -37.05
N ILE E 203 0.10 3.39 -35.74
CA ILE E 203 1.02 4.00 -34.78
C ILE E 203 2.35 3.25 -34.75
N ALA E 204 2.29 1.92 -34.66
CA ALA E 204 3.50 1.11 -34.54
C ALA E 204 4.38 1.25 -35.80
N LEU E 205 3.74 1.34 -36.96
CA LEU E 205 4.43 1.40 -38.25
C LEU E 205 5.03 2.78 -38.57
N THR E 206 4.67 3.81 -37.79
CA THR E 206 5.13 5.18 -38.05
C THR E 206 6.67 5.26 -38.01
N ALA E 207 7.26 5.90 -39.02
CA ALA E 207 8.71 5.95 -39.14
C ALA E 207 9.28 6.83 -38.05
N THR E 208 10.46 6.45 -37.57
CA THR E 208 11.13 7.20 -36.53
C THR E 208 12.41 7.84 -37.07
N ILE F 31 25.00 15.23 -15.62
CA ILE F 31 25.20 13.94 -14.97
C ILE F 31 24.91 14.04 -13.48
N TYR F 32 24.11 13.10 -12.99
CA TYR F 32 23.78 13.00 -11.57
C TYR F 32 24.40 11.71 -11.07
N GLN F 33 25.09 11.80 -9.95
CA GLN F 33 25.84 10.66 -9.44
C GLN F 33 25.94 10.69 -7.94
N LYS F 34 26.18 9.52 -7.35
CA LYS F 34 26.51 9.38 -5.95
C LYS F 34 27.02 7.99 -5.63
N GLN F 35 27.62 7.86 -4.45
CA GLN F 35 27.98 6.57 -3.89
C GLN F 35 27.10 6.24 -2.68
N ARG F 36 27.00 4.95 -2.39
CA ARG F 36 26.24 4.45 -1.24
C ARG F 36 26.72 3.04 -0.90
N THR F 41 30.60 -3.13 1.44
CA THR F 41 30.08 -3.01 0.09
C THR F 41 30.31 -1.61 -0.49
N GLN F 42 30.31 -1.52 -1.80
CA GLN F 42 30.49 -0.23 -2.46
C GLN F 42 29.54 -0.13 -3.65
N LEU F 43 28.90 1.03 -3.78
CA LEU F 43 27.96 1.29 -4.87
C LEU F 43 28.22 2.66 -5.48
N ASN F 44 28.56 2.69 -6.77
CA ASN F 44 28.71 3.96 -7.49
C ASN F 44 27.79 4.03 -8.70
N ILE F 45 26.92 5.03 -8.73
CA ILE F 45 25.92 5.13 -9.79
C ILE F 45 25.81 6.55 -10.35
N SER F 46 25.76 6.64 -11.67
CA SER F 46 25.47 7.90 -12.33
C SER F 46 24.32 7.71 -13.31
N ILE F 47 23.49 8.74 -13.45
CA ILE F 47 22.41 8.73 -14.44
C ILE F 47 22.45 10.03 -15.24
N SER F 48 22.08 9.96 -16.52
CA SER F 48 22.10 11.13 -17.39
C SER F 48 21.14 10.96 -18.56
N ASP F 49 20.54 12.08 -18.99
CA ASP F 49 19.64 12.08 -20.13
C ASP F 49 20.34 12.47 -21.44
N ASP F 50 21.50 11.88 -21.65
CA ASP F 50 22.15 11.94 -22.95
C ASP F 50 22.10 10.53 -23.54
N GLN F 51 22.88 10.30 -24.59
CA GLN F 51 22.94 8.97 -25.16
C GLN F 51 24.34 8.37 -25.02
N SER F 52 25.02 8.70 -23.92
CA SER F 52 26.29 8.07 -23.61
C SER F 52 26.10 6.57 -23.35
N PRO F 53 27.16 5.76 -23.61
CA PRO F 53 27.05 4.32 -23.34
C PRO F 53 26.79 4.02 -21.86
N SER F 54 26.09 2.91 -21.61
CA SER F 54 25.78 2.50 -20.24
C SER F 54 26.66 1.35 -19.84
N HIS F 55 27.25 1.44 -18.64
CA HIS F 55 27.96 0.32 -18.06
C HIS F 55 27.24 -0.14 -16.79
N ILE F 56 26.69 -1.34 -16.84
CA ILE F 56 25.90 -1.87 -15.71
C ILE F 56 26.49 -3.16 -15.14
N ASN F 57 26.97 -3.05 -13.90
CA ASN F 57 27.60 -4.15 -13.20
C ASN F 57 27.14 -4.17 -11.74
N THR F 58 25.99 -4.82 -11.51
CA THR F 58 25.34 -4.82 -10.19
C THR F 58 25.82 -6.00 -9.35
N GLY F 59 26.42 -6.98 -10.01
CA GLY F 59 26.74 -8.24 -9.36
C GLY F 59 25.60 -9.25 -9.42
N VAL F 60 24.48 -8.85 -10.03
CA VAL F 60 23.30 -9.70 -10.17
C VAL F 60 22.93 -9.79 -11.67
N GLY F 61 23.14 -10.96 -12.25
CA GLY F 61 23.00 -11.14 -13.70
C GLY F 61 21.66 -10.67 -14.24
N PHE F 62 20.59 -11.16 -13.61
CA PHE F 62 19.24 -10.82 -14.07
C PHE F 62 18.99 -9.32 -13.95
N LEU F 63 19.43 -8.74 -12.84
CA LEU F 63 19.27 -7.30 -12.64
C LEU F 63 20.04 -6.46 -13.69
N ASN F 64 21.24 -6.91 -14.06
CA ASN F 64 21.96 -6.29 -15.20
C ASN F 64 21.10 -6.23 -16.48
N HIS F 65 20.55 -7.37 -16.87
N HIS F 65 20.55 -7.37 -16.85
CA HIS F 65 19.70 -7.42 -18.06
CA HIS F 65 19.68 -7.49 -18.02
C HIS F 65 18.50 -6.48 -17.96
C HIS F 65 18.49 -6.53 -17.96
N LEU F 67 18.12 -3.74 -16.01
CA LEU F 67 18.54 -2.35 -16.00
C LEU F 67 19.09 -1.92 -17.35
N THR F 68 19.66 -2.86 -18.10
CA THR F 68 19.99 -2.61 -19.51
C THR F 68 18.73 -2.24 -20.29
N LEU F 69 17.63 -2.96 -20.06
CA LEU F 69 16.33 -2.61 -20.65
C LEU F 69 15.86 -1.23 -20.24
N PHE F 70 15.95 -0.92 -18.95
CA PHE F 70 15.59 0.41 -18.48
C PHE F 70 16.33 1.53 -19.25
N THR F 71 17.63 1.35 -19.48
CA THR F 71 18.40 2.43 -20.13
C THR F 71 17.87 2.71 -21.53
N PHE F 72 17.65 1.63 -22.28
CA PHE F 72 17.16 1.70 -23.65
C PHE F 72 15.77 2.31 -23.75
N HIS F 73 14.84 1.85 -22.90
CA HIS F 73 13.45 2.26 -23.04
C HIS F 73 13.14 3.61 -22.42
N SER F 74 13.92 4.01 -21.43
CA SER F 74 13.78 5.34 -20.81
C SER F 74 14.57 6.40 -21.55
N GLY F 75 15.61 5.98 -22.28
CA GLY F 75 16.55 6.94 -22.91
C GLY F 75 17.55 7.54 -21.94
N LEU F 76 17.57 7.04 -20.71
CA LEU F 76 18.53 7.51 -19.72
C LEU F 76 19.75 6.60 -19.67
N SER F 77 20.95 7.18 -19.68
CA SER F 77 22.19 6.42 -19.54
C SER F 77 22.45 6.12 -18.07
N LEU F 78 22.73 4.86 -17.78
CA LEU F 78 23.04 4.42 -16.43
C LEU F 78 24.40 3.81 -16.36
N ASN F 79 25.17 4.22 -15.37
CA ASN F 79 26.41 3.55 -15.06
C ASN F 79 26.40 3.08 -13.62
N ILE F 80 26.64 1.79 -13.43
CA ILE F 80 26.58 1.20 -12.10
C ILE F 80 27.77 0.32 -11.80
N GLU F 81 28.40 0.63 -10.68
CA GLU F 81 29.50 -0.15 -10.15
C GLU F 81 29.21 -0.61 -8.73
N ALA F 82 29.05 -1.92 -8.59
CA ALA F 82 28.84 -2.53 -7.28
C ALA F 82 29.93 -3.53 -6.99
N GLN F 83 30.56 -3.37 -5.83
CA GLN F 83 31.50 -4.35 -5.30
C GLN F 83 31.17 -4.67 -3.84
N GLY F 84 31.16 -5.96 -3.51
CA GLY F 84 30.78 -6.41 -2.19
C GLY F 84 30.95 -7.91 -2.00
N ASP F 90 21.19 -10.70 -2.50
CA ASP F 90 20.57 -10.06 -3.67
C ASP F 90 19.58 -8.96 -3.33
N HIS F 91 18.93 -9.08 -2.16
CA HIS F 91 17.90 -8.14 -1.71
C HIS F 91 18.50 -6.79 -1.38
N HIS F 92 19.62 -6.79 -0.65
CA HIS F 92 20.25 -5.54 -0.27
C HIS F 92 20.80 -4.81 -1.49
N VAL F 93 21.51 -5.52 -2.36
CA VAL F 93 22.02 -4.96 -3.60
C VAL F 93 20.86 -4.36 -4.42
N THR F 94 19.81 -5.16 -4.65
CA THR F 94 18.68 -4.73 -5.46
C THR F 94 18.02 -3.50 -4.89
N GLU F 95 17.75 -3.52 -3.59
CA GLU F 95 17.11 -2.38 -2.95
C GLU F 95 18.01 -1.13 -2.97
N ASP F 96 19.32 -1.32 -2.71
CA ASP F 96 20.28 -0.20 -2.67
C ASP F 96 20.34 0.51 -4.00
N ILE F 97 20.43 -0.26 -5.06
CA ILE F 97 20.45 0.29 -6.42
C ILE F 97 19.16 1.07 -6.70
N GLY F 98 18.00 0.48 -6.39
CA GLY F 98 16.72 1.18 -6.58
C GLY F 98 16.57 2.49 -5.81
N ILE F 99 17.04 2.49 -4.56
CA ILE F 99 17.01 3.70 -3.74
C ILE F 99 17.87 4.82 -4.37
N VAL F 100 19.06 4.44 -4.81
CA VAL F 100 20.01 5.40 -5.40
C VAL F 100 19.49 5.90 -6.75
N ILE F 101 19.05 4.98 -7.62
CA ILE F 101 18.39 5.41 -8.85
C ILE F 101 17.25 6.38 -8.54
N GLY F 102 16.40 6.08 -7.56
CA GLY F 102 15.28 6.96 -7.24
C GLY F 102 15.70 8.37 -6.80
N GLN F 103 16.72 8.43 -5.95
CA GLN F 103 17.27 9.70 -5.47
C GLN F 103 17.89 10.53 -6.61
N LEU F 104 18.64 9.85 -7.48
CA LEU F 104 19.21 10.52 -8.64
C LEU F 104 18.13 11.02 -9.61
N LEU F 105 17.08 10.20 -9.80
CA LEU F 105 15.95 10.62 -10.62
C LEU F 105 15.31 11.88 -10.08
N LEU F 106 15.22 11.97 -8.76
CA LEU F 106 14.65 13.15 -8.13
C LEU F 106 15.54 14.40 -8.34
N GLU F 107 16.86 14.22 -8.32
CA GLU F 107 17.77 15.33 -8.65
C GLU F 107 17.47 15.83 -10.06
N ILE F 109 14.76 15.40 -11.95
CA ILE F 109 13.42 16.00 -12.02
C ILE F 109 13.40 17.42 -11.46
N LYS F 110 14.09 17.63 -10.34
CA LYS F 110 14.14 18.93 -9.70
C LYS F 110 14.78 20.01 -10.59
N ASP F 111 15.76 19.59 -11.41
CA ASP F 111 16.39 20.46 -12.40
C ASP F 111 15.50 20.78 -13.60
N LYS F 112 14.57 19.88 -13.93
CA LYS F 112 13.66 20.11 -15.07
C LYS F 112 12.53 21.05 -14.70
N LYS F 113 12.25 22.01 -15.57
CA LYS F 113 11.16 22.95 -15.34
C LYS F 113 9.87 22.42 -15.95
N HIS F 114 9.90 22.18 -17.26
CA HIS F 114 8.71 21.88 -18.04
C HIS F 114 8.82 20.47 -18.61
N PHE F 115 8.01 19.55 -18.10
CA PHE F 115 7.97 18.17 -18.61
C PHE F 115 6.53 17.61 -18.74
N VAL F 116 6.38 16.60 -19.58
CA VAL F 116 5.06 16.01 -19.87
C VAL F 116 4.35 15.54 -18.59
N ARG F 117 5.12 14.99 -17.65
CA ARG F 117 4.65 14.64 -16.29
C ARG F 117 3.89 13.31 -16.23
N TYR F 118 2.99 13.08 -17.19
CA TYR F 118 2.15 11.84 -17.26
C TYR F 118 2.61 10.91 -18.37
N GLY F 119 2.77 9.63 -18.05
CA GLY F 119 3.11 8.62 -19.03
C GLY F 119 2.41 7.30 -18.74
N THR F 120 1.95 6.66 -19.80
CA THR F 120 1.34 5.33 -19.72
C THR F 120 1.90 4.50 -20.83
N TYR F 122 1.62 0.32 -22.37
CA TYR F 122 1.32 -1.10 -22.41
C TYR F 122 2.42 -1.80 -23.17
N ILE F 123 2.89 -2.93 -22.64
CA ILE F 123 3.87 -3.77 -23.32
C ILE F 123 3.40 -5.23 -23.25
N PRO F 124 3.26 -5.89 -24.42
CA PRO F 124 3.00 -7.30 -24.51
C PRO F 124 4.31 -8.07 -24.63
N ASP F 126 4.72 -11.93 -25.59
CA ASP F 126 3.98 -13.14 -25.88
C ASP F 126 2.66 -13.13 -25.09
N GLU F 127 2.47 -14.10 -24.21
CA GLU F 127 1.25 -14.24 -23.37
C GLU F 127 0.98 -13.06 -22.40
N THR F 128 2.07 -12.39 -22.00
CA THR F 128 2.00 -11.35 -21.00
C THR F 128 1.54 -10.01 -21.58
N LEU F 129 0.77 -9.27 -20.79
CA LEU F 129 0.53 -7.88 -21.08
C LEU F 129 0.67 -7.08 -19.79
N ALA F 130 1.51 -6.05 -19.79
CA ALA F 130 1.58 -5.20 -18.62
C ALA F 130 1.24 -3.77 -18.97
N ARG F 131 0.70 -3.07 -17.98
CA ARG F 131 0.50 -1.63 -18.09
C ARG F 131 1.18 -0.95 -16.92
N VAL F 132 1.93 0.12 -17.22
CA VAL F 132 2.47 0.97 -16.19
C VAL F 132 2.06 2.42 -16.45
N VAL F 133 1.60 3.08 -15.40
CA VAL F 133 1.18 4.46 -15.46
C VAL F 133 2.11 5.21 -14.48
N VAL F 134 2.84 6.21 -14.97
CA VAL F 134 3.60 7.08 -14.07
C VAL F 134 3.22 8.54 -14.13
N ASP F 135 3.14 9.14 -12.94
CA ASP F 135 2.90 10.56 -12.78
C ASP F 135 4.06 11.11 -11.97
N ILE F 136 4.81 12.03 -12.56
CA ILE F 136 5.87 12.73 -11.81
C ILE F 136 5.16 13.79 -10.97
N SER F 137 4.65 13.39 -9.81
CA SER F 137 3.74 14.20 -9.05
C SER F 137 4.37 14.82 -7.80
N GLY F 138 5.46 14.24 -7.31
CA GLY F 138 6.01 14.63 -6.02
C GLY F 138 5.30 13.96 -4.85
N ARG F 139 4.30 13.13 -5.14
CA ARG F 139 3.61 12.31 -4.13
C ARG F 139 4.09 10.87 -4.24
N PRO F 140 5.01 10.43 -3.36
CA PRO F 140 5.61 9.10 -3.47
C PRO F 140 4.54 8.00 -3.20
N TYR F 141 4.16 7.26 -4.23
CA TYR F 141 3.12 6.23 -4.08
C TYR F 141 3.28 5.15 -5.16
N LEU F 142 3.32 3.88 -4.74
CA LEU F 142 3.35 2.74 -5.66
C LEU F 142 2.16 1.79 -5.45
N SER F 143 1.40 1.54 -6.51
CA SER F 143 0.41 0.46 -6.51
C SER F 143 0.94 -0.66 -7.38
N PHE F 144 1.36 -1.77 -6.76
CA PHE F 144 2.02 -2.83 -7.49
C PHE F 144 1.05 -4.02 -7.52
N ASN F 145 0.55 -4.38 -8.70
CA ASN F 145 -0.53 -5.36 -8.86
C ASN F 145 -0.07 -6.37 -9.90
N ALA F 146 0.70 -7.35 -9.46
CA ALA F 146 1.29 -8.31 -10.39
C ALA F 146 1.69 -9.54 -9.60
N SER F 147 0.97 -10.63 -9.78
CA SER F 147 1.33 -11.88 -9.16
C SER F 147 2.20 -12.64 -10.12
N LEU F 148 3.46 -12.76 -9.78
CA LEU F 148 4.42 -13.35 -10.71
C LEU F 148 4.27 -14.86 -10.66
N SER F 149 4.46 -15.52 -11.80
CA SER F 149 4.16 -16.93 -11.92
C SER F 149 5.09 -17.88 -11.18
N LYS F 150 6.34 -17.49 -10.94
CA LYS F 150 7.32 -18.41 -10.33
C LYS F 150 8.11 -17.69 -9.23
N GLU F 151 8.67 -18.44 -8.30
CA GLU F 151 9.39 -17.89 -7.15
C GLU F 151 10.79 -17.37 -7.55
N LYS F 152 11.36 -18.01 -8.57
CA LYS F 152 12.65 -17.60 -9.14
C LYS F 152 12.64 -17.52 -10.65
N VAL F 153 13.49 -16.66 -11.21
CA VAL F 153 13.92 -16.79 -12.59
C VAL F 153 15.44 -16.96 -12.55
N GLY F 154 15.93 -18.11 -12.99
CA GLY F 154 17.34 -18.48 -12.73
C GLY F 154 17.59 -18.54 -11.23
N THR F 155 18.54 -17.76 -10.74
CA THR F 155 18.82 -17.72 -9.30
C THR F 155 18.15 -16.51 -8.65
N PHE F 156 17.51 -15.68 -9.47
CA PHE F 156 16.95 -14.39 -9.02
C PHE F 156 15.57 -14.58 -8.34
N ASP F 157 15.43 -14.10 -7.10
CA ASP F 157 14.15 -14.14 -6.36
C ASP F 157 13.18 -13.10 -6.95
N THR F 158 12.05 -13.57 -7.46
CA THR F 158 11.12 -12.68 -8.16
C THR F 158 10.45 -11.68 -7.23
N GLU F 159 10.42 -11.99 -5.93
CA GLU F 159 9.90 -11.03 -4.94
C GLU F 159 10.72 -9.70 -4.89
N LEU F 160 11.93 -9.74 -5.45
CA LEU F 160 12.81 -8.55 -5.53
C LEU F 160 12.31 -7.50 -6.51
N VAL F 161 11.53 -7.92 -7.49
CA VAL F 161 11.00 -6.98 -8.49
C VAL F 161 10.19 -5.87 -7.83
N GLU F 162 9.21 -6.25 -7.01
CA GLU F 162 8.43 -5.25 -6.26
C GLU F 162 9.31 -4.35 -5.37
N GLU F 163 10.31 -4.95 -4.74
CA GLU F 163 11.20 -4.21 -3.84
C GLU F 163 11.99 -3.16 -4.61
N PHE F 164 12.45 -3.52 -5.81
CA PHE F 164 13.20 -2.59 -6.66
C PHE F 164 12.31 -1.42 -7.04
N PHE F 165 11.10 -1.72 -7.54
CA PHE F 165 10.18 -0.66 -7.95
C PHE F 165 9.72 0.23 -6.83
N ARG F 166 9.47 -0.34 -5.65
N ARG F 166 9.50 -0.37 -5.65
CA ARG F 166 9.13 0.52 -4.52
CA ARG F 166 9.15 0.37 -4.45
C ARG F 166 10.28 1.47 -4.18
C ARG F 166 10.25 1.37 -4.03
N ALA F 167 11.51 0.95 -4.18
CA ALA F 167 12.67 1.79 -3.83
C ALA F 167 12.81 2.95 -4.82
N VAL F 168 12.72 2.67 -6.12
CA VAL F 168 12.82 3.70 -7.16
C VAL F 168 11.70 4.75 -7.06
N VAL F 169 10.45 4.28 -7.08
CA VAL F 169 9.28 5.14 -7.14
C VAL F 169 9.16 6.07 -5.92
N ILE F 170 9.38 5.50 -4.74
CA ILE F 170 9.21 6.26 -3.49
C ILE F 170 10.31 7.31 -3.40
N ASN F 171 11.53 6.91 -3.72
CA ASN F 171 12.67 7.84 -3.59
C ASN F 171 12.72 8.87 -4.70
N ALA F 172 12.17 8.53 -5.86
CA ALA F 172 12.00 9.51 -6.94
C ALA F 172 10.76 10.39 -6.78
N ARG F 173 9.94 10.09 -5.76
CA ARG F 173 8.68 10.81 -5.51
C ARG F 173 7.72 10.76 -6.71
N LEU F 174 7.56 9.57 -7.28
CA LEU F 174 6.61 9.35 -8.36
C LEU F 174 5.34 8.72 -7.81
N THR F 175 4.22 8.95 -8.47
CA THR F 175 3.10 8.02 -8.29
C THR F 175 3.00 7.07 -9.48
N THR F 176 3.13 5.79 -9.19
CA THR F 176 3.23 4.73 -10.19
C THR F 176 2.24 3.59 -9.88
N HIS F 177 1.46 3.18 -10.89
CA HIS F 177 0.61 2.00 -10.86
C HIS F 177 1.17 1.00 -11.87
N ILE F 178 1.55 -0.17 -11.38
CA ILE F 178 2.03 -1.26 -12.23
C ILE F 178 0.98 -2.37 -12.22
N ASP F 179 0.49 -2.75 -13.40
CA ASP F 179 -0.59 -3.73 -13.51
C ASP F 179 -0.21 -4.82 -14.50
N LEU F 180 -0.17 -6.06 -14.04
CA LEU F 180 0.03 -7.17 -14.95
C LEU F 180 -1.36 -7.61 -15.35
N ILE F 181 -1.77 -7.29 -16.57
CA ILE F 181 -3.12 -7.60 -17.03
C ILE F 181 -3.28 -9.11 -17.22
N ARG F 182 -2.27 -9.73 -17.83
CA ARG F 182 -2.25 -11.18 -17.92
C ARG F 182 -0.79 -11.60 -17.96
N GLY F 183 -0.52 -12.83 -17.53
CA GLY F 183 0.86 -13.31 -17.51
C GLY F 183 0.91 -14.76 -17.91
N GLY F 184 1.95 -15.45 -17.44
CA GLY F 184 2.14 -16.84 -17.82
C GLY F 184 3.58 -17.27 -17.63
N ASN F 185 4.49 -16.53 -18.25
CA ASN F 185 5.93 -16.81 -18.15
C ASN F 185 6.56 -15.71 -17.32
N THR F 186 7.28 -16.10 -16.27
CA THR F 186 7.72 -15.14 -15.26
C THR F 186 8.77 -14.16 -15.83
N HIS F 187 9.67 -14.66 -16.67
CA HIS F 187 10.64 -13.78 -17.34
C HIS F 187 9.93 -12.73 -18.19
N HIS F 188 8.89 -13.17 -18.94
CA HIS F 188 8.09 -12.24 -19.75
C HIS F 188 7.35 -11.22 -18.89
N GLU F 189 6.81 -11.69 -17.77
CA GLU F 189 6.07 -10.79 -16.87
C GLU F 189 6.98 -9.67 -16.36
N ILE F 190 8.16 -10.05 -15.89
CA ILE F 190 9.12 -9.08 -15.35
C ILE F 190 9.66 -8.11 -16.42
N GLU F 191 10.01 -8.67 -17.59
CA GLU F 191 10.49 -7.87 -18.70
C GLU F 191 9.43 -6.88 -19.17
N ALA F 192 8.18 -7.33 -19.33
CA ALA F 192 7.10 -6.41 -19.71
C ALA F 192 6.95 -5.25 -18.73
N ILE F 193 7.03 -5.55 -17.43
CA ILE F 193 6.91 -4.51 -16.39
C ILE F 193 8.08 -3.52 -16.49
N PHE F 194 9.30 -4.03 -16.63
CA PHE F 194 10.46 -3.14 -16.81
C PHE F 194 10.37 -2.24 -18.05
N LYS F 195 10.03 -2.82 -19.20
N LYS F 195 10.03 -2.84 -19.19
CA LYS F 195 9.87 -2.07 -20.44
CA LYS F 195 9.84 -2.12 -20.45
C LYS F 195 8.76 -1.03 -20.32
C LYS F 195 8.78 -1.04 -20.32
N ALA F 196 7.63 -1.43 -19.74
CA ALA F 196 6.52 -0.48 -19.57
C ALA F 196 6.85 0.64 -18.62
N PHE F 197 7.46 0.34 -17.47
CA PHE F 197 7.80 1.41 -16.53
C PHE F 197 8.80 2.39 -17.17
N SER F 198 9.81 1.85 -17.83
CA SER F 198 10.89 2.65 -18.43
C SER F 198 10.37 3.58 -19.50
N ARG F 199 9.47 3.08 -20.35
CA ARG F 199 8.90 3.88 -21.43
C ARG F 199 7.98 4.95 -20.89
N ALA F 200 7.13 4.56 -19.94
CA ALA F 200 6.24 5.52 -19.27
C ALA F 200 7.04 6.63 -18.57
N LEU F 201 8.13 6.25 -17.91
CA LEU F 201 9.01 7.25 -17.27
C LEU F 201 9.61 8.22 -18.32
N GLY F 202 10.19 7.64 -19.38
CA GLY F 202 10.73 8.42 -20.49
C GLY F 202 9.75 9.40 -21.08
N ILE F 203 8.50 8.96 -21.27
CA ILE F 203 7.42 9.82 -21.73
C ILE F 203 7.18 10.96 -20.75
N ALA F 204 7.06 10.64 -19.46
CA ALA F 204 6.76 11.65 -18.45
C ALA F 204 7.87 12.69 -18.30
N LEU F 205 9.11 12.28 -18.51
CA LEU F 205 10.29 13.14 -18.37
C LEU F 205 10.53 14.07 -19.56
N THR F 206 9.82 13.84 -20.66
CA THR F 206 9.99 14.59 -21.90
C THR F 206 9.77 16.09 -21.68
N ALA F 207 10.72 16.89 -22.18
CA ALA F 207 10.65 18.35 -22.07
C ALA F 207 9.47 18.91 -22.83
N THR F 208 8.78 19.88 -22.25
CA THR F 208 7.79 20.64 -23.00
C THR F 208 8.30 22.08 -23.21
#